data_7B3C
#
_entry.id   7B3C
#
loop_
_entity.id
_entity.type
_entity.pdbx_description
1 polymer 'RNA-directed RNA polymerase nsp12'
2 polymer 'Non-structural protein 8'
3 polymer 'Non-structural protein 7'
4 polymer "DNA/RNA (5'-R(P*CP*UP*AP*CP*GP*CP*A)-D(P*(RMP))-R(P*GP*UP*G)-3')"
5 polymer "RNA (5'-R(P*UP*CP*AP*CP*UP*UP*GP*CP*GP*UP*AP*G)-3')"
6 non-polymer 'ZINC ION'
#
loop_
_entity_poly.entity_id
_entity_poly.type
_entity_poly.pdbx_seq_one_letter_code
_entity_poly.pdbx_strand_id
1 'polypeptide(L)'
;SNASADAQSFLNRVCGVSAARLTPCGTGTSTDVVYRAFDIYNDKVAGFAKFLKTNCCRFQEKDEDDNLIDSYFVVKRHTF
SNYQHEETIYNLLKDCPAVAKHDFFKFRIDGDMVPHISRQRLTKYTMADLVYALRHFDEGNCDTLKEILVTYNCCDDDYF
NKKDWYDFVENPDILRVYANLGERVRQALLKTVQFCDAMRNAGIVGVLTLDNQDLNGNWYDFGDFIQTTPGSGVPVVDSY
YSLLMPILTLTRALTAESHVDTDLTKPYIKWDLLKYDFTEERLKLFDRYFKYWDQTYHPNCVNCLDDRCILHCANFNVLF
STVFPPTSFGPLVRKIFVDGVPFVVSTGYHFRELGVVHNQDVNLHSSRLSFKELLVYAADPAMHAASGNLLLDKRTTCFS
VAALTNNVAFQTVKPGNFNKDFYDFAVSKGFFKEGSSVELKHFFFAQDGNAAISDYDYYRYNLPTMCDIRQLLFVVEVVD
KYFDCYDGGCINANQVIVNNLDKSAGFPFNKWGKARLYYDSMSYEDQDALFAYTKRNVIPTITQMNLKYAISAKNRARTV
AGVSICSTMTNRQFHQKLLKSIAATRGATVVIGTSKFYGGWHNMLKTVYSDVENPHLMGWDYPKCDRAMPNMLRIMASLV
LARKHTTCCSLSHRFYRLANECAQVLSEMVMCGGSLYVKPGGTSSGDATTAYANSVFNICQAVTANVNALLSTDGNKIAD
KYVRNLQHRLYECLYRNRDVDTDFVNEFYAYLRKHFSMMILSDDAVVCFNSTYASQGLVASIKNFKSVLYYQNNVFMSEA
KCWTETDLTKGPHEFCSQHTMLVKQGDDYVYLPYPDPSRILGAGCFVDDIVKTDGTLMIERFVSLAIDAYPLTKHPNQEY
ADVFHLYLQYIRKLHDELTGHMLDMYSVMLTNDNTSRYWEPEFYEAMYTPHTVLQ
;
A
2 'polypeptide(L)'
;SNAAIASEFSSLPSYAAFATAQEAYEQAVANGDSEVVLKKLKKSLNVAKSEFDRDAAMQRKLEKMADQAMTQMYKQARSE
DKRAKVTSAMQTMLFTMLRKLDNDALNNIINNARDGCVPLNIIPLTTAAKLMVVIPDYNTYKNTCDGTTFTYASALWEIQ
QVVDADSKIVQLSEISMDNSPNLAWPLIVTALRANSAVKLQ
;
B
3 'polypeptide(L)'
;SNASKMSDVKCTSVVLLSVLQQLRVESSSKLWAQCVQLHNDILLAKDTTEAFEKMVSLLSVLLSMQGAVDINKLCEEMLD
NRATLQ
;
C
4 'polyribonucleotide' UGAGCCUACGC(F86)GUG P
5 'polyribonucleotide' UUUUCAUGCACUGCGUAGGCUCAUACCGUAUUGAGACCUUUUGGUCUCAAUACGGUA T
#
loop_
_chem_comp.id
_chem_comp.type
_chem_comp.name
_chem_comp.formula
A RNA linking ADENOSINE-5'-MONOPHOSPHATE 'C10 H14 N5 O7 P'
C RNA linking CYTIDINE-5'-MONOPHOSPHATE 'C9 H14 N3 O8 P'
F86 non-polymer '[(2~{R},3~{S},4~{R},5~{R})-5-(4-azanylpyrrolo[2,1-f][1,2,4]triazin-7-yl)-5-cyano-3,4-bis(oxidanyl)oxolan-2-yl]methyl dihydrogen phosphate' 'C12 H14 N5 O7 P'
G RNA linking GUANOSINE-5'-MONOPHOSPHATE 'C10 H14 N5 O8 P'
U RNA linking URIDINE-5'-MONOPHOSPHATE 'C9 H13 N2 O9 P'
ZN non-polymer 'ZINC ION' 'Zn 2'
#
# COMPACT_ATOMS: atom_id res chain seq x y z
N VAL A 34 21.10 -26.78 -24.46
CA VAL A 34 20.77 -25.41 -24.10
C VAL A 34 20.71 -25.27 -22.59
N TYR A 35 20.22 -24.12 -22.12
CA TYR A 35 20.10 -23.82 -20.70
C TYR A 35 18.70 -24.16 -20.22
N ARG A 36 18.61 -24.84 -19.08
CA ARG A 36 17.32 -25.13 -18.46
C ARG A 36 17.40 -24.83 -16.97
N ALA A 37 16.28 -24.40 -16.41
CA ALA A 37 16.22 -24.10 -14.98
C ALA A 37 16.22 -25.39 -14.18
N PHE A 38 17.10 -25.46 -13.17
CA PHE A 38 17.22 -26.62 -12.31
C PHE A 38 17.45 -26.19 -10.87
N ASP A 39 16.81 -26.90 -9.95
CA ASP A 39 17.04 -26.74 -8.52
C ASP A 39 17.92 -27.91 -8.09
N ILE A 40 19.19 -27.65 -7.85
CA ILE A 40 20.17 -28.70 -7.62
C ILE A 40 20.66 -28.61 -6.19
N TYR A 41 20.92 -29.78 -5.60
CA TYR A 41 21.51 -29.88 -4.27
C TYR A 41 22.47 -31.05 -4.22
N ASN A 42 23.74 -30.74 -3.98
CA ASN A 42 24.76 -31.75 -3.69
C ASN A 42 25.92 -31.04 -3.02
N ASP A 43 26.87 -31.83 -2.53
CA ASP A 43 27.99 -31.26 -1.78
C ASP A 43 28.72 -30.21 -2.60
N LYS A 44 28.80 -30.40 -3.92
CA LYS A 44 29.56 -29.49 -4.76
C LYS A 44 28.87 -28.13 -4.88
N VAL A 45 27.56 -28.12 -5.17
CA VAL A 45 26.84 -26.89 -5.48
C VAL A 45 25.39 -27.06 -5.04
N ALA A 46 24.74 -25.92 -4.78
CA ALA A 46 23.32 -25.91 -4.44
C ALA A 46 22.70 -24.62 -4.95
N GLY A 47 21.43 -24.69 -5.30
CA GLY A 47 20.67 -23.52 -5.70
C GLY A 47 19.69 -23.79 -6.81
N PHE A 48 18.75 -22.85 -7.00
CA PHE A 48 17.77 -22.87 -8.08
C PHE A 48 18.23 -21.86 -9.13
N ALA A 49 18.73 -22.37 -10.26
CA ALA A 49 19.33 -21.51 -11.27
C ALA A 49 19.28 -22.20 -12.62
N LYS A 50 19.53 -21.44 -13.68
CA LYS A 50 19.54 -21.96 -15.04
C LYS A 50 20.92 -22.51 -15.36
N PHE A 51 20.99 -23.83 -15.55
CA PHE A 51 22.24 -24.53 -15.86
C PHE A 51 22.26 -24.96 -17.31
N LEU A 52 23.45 -24.89 -17.92
CA LEU A 52 23.68 -25.50 -19.22
C LEU A 52 23.61 -27.01 -19.11
N LYS A 53 22.76 -27.61 -19.94
CA LYS A 53 22.66 -29.08 -20.00
C LYS A 53 22.29 -29.52 -21.42
N ARG A 121 5.18 -39.77 -22.90
CA ARG A 121 6.14 -38.81 -23.44
C ARG A 121 6.34 -37.65 -22.46
N LEU A 122 7.42 -36.90 -22.66
CA LEU A 122 7.77 -35.80 -21.77
C LEU A 122 7.65 -34.48 -22.51
N THR A 123 7.06 -33.49 -21.86
CA THR A 123 6.92 -32.16 -22.46
C THR A 123 8.27 -31.45 -22.48
N LYS A 124 8.40 -30.50 -23.40
CA LYS A 124 9.67 -29.81 -23.56
C LYS A 124 10.02 -28.96 -22.34
N TYR A 125 9.02 -28.34 -21.72
CA TYR A 125 9.22 -27.51 -20.55
C TYR A 125 8.67 -28.17 -19.30
N THR A 126 9.33 -27.94 -18.18
CA THR A 126 8.93 -28.47 -16.89
C THR A 126 8.41 -27.34 -16.00
N MET A 127 7.89 -27.73 -14.83
CA MET A 127 7.35 -26.74 -13.90
C MET A 127 8.43 -25.78 -13.44
N ALA A 128 9.66 -26.27 -13.27
CA ALA A 128 10.75 -25.41 -12.82
C ALA A 128 11.00 -24.30 -13.82
N ASP A 129 10.89 -24.58 -15.12
CA ASP A 129 11.05 -23.54 -16.12
C ASP A 129 10.00 -22.45 -15.93
N LEU A 130 8.74 -22.84 -15.71
CA LEU A 130 7.68 -21.86 -15.50
C LEU A 130 7.97 -21.00 -14.27
N VAL A 131 8.40 -21.64 -13.18
CA VAL A 131 8.61 -20.89 -11.94
C VAL A 131 9.81 -19.96 -12.07
N TYR A 132 10.87 -20.41 -12.75
CA TYR A 132 12.01 -19.54 -13.01
C TYR A 132 11.60 -18.34 -13.87
N ALA A 133 10.78 -18.58 -14.89
CA ALA A 133 10.33 -17.49 -15.76
C ALA A 133 9.51 -16.48 -14.97
N LEU A 134 8.62 -16.96 -14.10
CA LEU A 134 7.72 -16.06 -13.38
C LEU A 134 8.34 -15.47 -12.11
N ARG A 135 9.48 -15.98 -11.66
CA ARG A 135 10.16 -15.44 -10.49
C ARG A 135 11.43 -14.66 -10.84
N HIS A 136 11.95 -14.81 -12.06
CA HIS A 136 13.13 -14.09 -12.52
C HIS A 136 12.76 -13.41 -13.84
N PHE A 137 12.00 -12.32 -13.73
CA PHE A 137 11.45 -11.64 -14.90
C PHE A 137 12.43 -10.62 -15.45
N ASP A 138 12.71 -10.73 -16.75
CA ASP A 138 13.47 -9.72 -17.47
C ASP A 138 12.65 -9.31 -18.69
N GLU A 139 12.33 -8.02 -18.79
CA GLU A 139 11.44 -7.55 -19.85
C GLU A 139 11.99 -7.89 -21.23
N GLY A 140 13.31 -7.75 -21.42
CA GLY A 140 13.91 -8.13 -22.69
C GLY A 140 13.81 -9.61 -22.96
N ASN A 141 14.03 -10.43 -21.94
CA ASN A 141 14.11 -11.90 -22.10
C ASN A 141 12.90 -12.55 -21.46
N CYS A 142 11.79 -12.55 -22.20
CA CYS A 142 10.58 -13.26 -21.81
C CYS A 142 10.27 -14.42 -22.77
N ASP A 143 11.31 -14.97 -23.40
CA ASP A 143 11.09 -16.03 -24.39
C ASP A 143 10.40 -17.23 -23.76
N THR A 144 10.90 -17.68 -22.61
CA THR A 144 10.32 -18.85 -21.96
C THR A 144 8.88 -18.57 -21.52
N LEU A 145 8.64 -17.42 -20.89
CA LEU A 145 7.28 -17.10 -20.46
C LEU A 145 6.35 -16.98 -21.65
N LYS A 146 6.80 -16.32 -22.73
CA LYS A 146 5.96 -16.16 -23.90
C LYS A 146 5.61 -17.51 -24.52
N GLU A 147 6.60 -18.39 -24.67
CA GLU A 147 6.33 -19.68 -25.30
C GLU A 147 5.43 -20.54 -24.42
N ILE A 148 5.64 -20.51 -23.11
CA ILE A 148 4.76 -21.26 -22.22
C ILE A 148 3.35 -20.71 -22.27
N LEU A 149 3.20 -19.39 -22.42
CA LEU A 149 1.89 -18.77 -22.50
C LEU A 149 1.21 -18.99 -23.84
N VAL A 150 1.95 -19.34 -24.88
CA VAL A 150 1.38 -19.57 -26.19
C VAL A 150 1.05 -21.04 -26.43
N THR A 151 1.96 -21.95 -26.08
CA THR A 151 1.74 -23.36 -26.36
C THR A 151 0.54 -23.91 -25.61
N TYR A 152 0.24 -23.34 -24.43
CA TYR A 152 -0.85 -23.82 -23.58
C TYR A 152 -2.06 -22.88 -23.62
N ASN A 153 -2.28 -22.24 -24.76
CA ASN A 153 -3.53 -21.52 -25.04
C ASN A 153 -3.89 -20.56 -23.92
N CYS A 154 -2.94 -19.70 -23.55
CA CYS A 154 -3.19 -18.60 -22.62
C CYS A 154 -3.38 -17.28 -23.36
N CYS A 155 -2.50 -16.98 -24.31
CA CYS A 155 -2.63 -15.80 -25.15
C CYS A 155 -1.96 -16.09 -26.48
N ASP A 156 -2.46 -15.45 -27.53
CA ASP A 156 -1.90 -15.62 -28.86
C ASP A 156 -0.63 -14.79 -29.00
N ASP A 157 0.16 -15.10 -30.04
CA ASP A 157 1.40 -14.37 -30.26
C ASP A 157 1.14 -12.87 -30.43
N ASP A 158 0.01 -12.51 -31.05
CA ASP A 158 -0.30 -11.09 -31.25
C ASP A 158 -0.32 -10.34 -29.93
N TYR A 159 -0.71 -11.02 -28.84
CA TYR A 159 -0.75 -10.36 -27.53
C TYR A 159 0.60 -9.76 -27.18
N PHE A 160 1.70 -10.38 -27.61
CA PHE A 160 3.02 -9.87 -27.27
C PHE A 160 3.42 -8.67 -28.12
N ASN A 161 2.78 -8.45 -29.27
CA ASN A 161 3.07 -7.26 -30.04
C ASN A 161 2.72 -6.00 -29.25
N LYS A 162 1.60 -6.03 -28.53
CA LYS A 162 1.27 -4.94 -27.62
C LYS A 162 2.38 -4.76 -26.60
N LYS A 163 2.80 -3.52 -26.39
CA LYS A 163 3.82 -3.22 -25.40
C LYS A 163 3.18 -3.00 -24.03
N ASP A 164 4.00 -3.15 -22.99
CA ASP A 164 3.56 -3.10 -21.61
C ASP A 164 2.58 -4.21 -21.27
N TRP A 165 2.59 -5.29 -22.06
CA TRP A 165 1.70 -6.41 -21.78
C TRP A 165 2.02 -7.05 -20.44
N TYR A 166 3.31 -7.17 -20.12
CA TYR A 166 3.70 -7.79 -18.85
C TYR A 166 3.31 -6.92 -17.66
N ASP A 167 3.30 -5.60 -17.81
CA ASP A 167 2.98 -4.72 -16.70
C ASP A 167 1.55 -4.94 -16.24
N PHE A 168 1.37 -5.08 -14.92
CA PHE A 168 0.02 -5.23 -14.38
C PHE A 168 -0.72 -3.90 -14.38
N VAL A 169 -0.04 -2.82 -14.00
CA VAL A 169 -0.70 -1.53 -13.91
C VAL A 169 -1.16 -1.06 -15.28
N GLU A 170 -0.29 -1.16 -16.29
CA GLU A 170 -0.65 -0.67 -17.62
C GLU A 170 -1.61 -1.62 -18.32
N ASN A 171 -1.41 -2.93 -18.16
CA ASN A 171 -2.23 -3.95 -18.83
C ASN A 171 -2.71 -4.94 -17.78
N PRO A 172 -3.77 -4.61 -17.04
CA PRO A 172 -4.31 -5.56 -16.06
C PRO A 172 -4.82 -6.84 -16.69
N ASP A 173 -5.14 -6.83 -17.99
CA ASP A 173 -5.64 -8.03 -18.65
C ASP A 173 -4.67 -9.19 -18.56
N ILE A 174 -3.38 -8.91 -18.35
CA ILE A 174 -2.41 -10.00 -18.20
C ILE A 174 -2.81 -10.91 -17.04
N LEU A 175 -3.44 -10.34 -16.00
CA LEU A 175 -3.91 -11.16 -14.89
C LEU A 175 -4.80 -12.29 -15.39
N ARG A 176 -5.66 -12.01 -16.37
CA ARG A 176 -6.49 -13.07 -16.95
C ARG A 176 -5.62 -14.11 -17.64
N VAL A 177 -4.63 -13.67 -18.41
CA VAL A 177 -3.81 -14.62 -19.16
C VAL A 177 -3.13 -15.59 -18.22
N TYR A 178 -2.46 -15.07 -17.18
CA TYR A 178 -1.85 -15.94 -16.19
C TYR A 178 -2.90 -16.86 -15.55
N ALA A 179 -4.10 -16.34 -15.33
CA ALA A 179 -5.15 -17.15 -14.73
C ALA A 179 -5.43 -18.39 -15.57
N ASN A 180 -5.23 -18.31 -16.89
CA ASN A 180 -5.49 -19.46 -17.75
C ASN A 180 -4.58 -20.63 -17.42
N LEU A 181 -3.43 -20.37 -16.79
CA LEU A 181 -2.57 -21.46 -16.35
C LEU A 181 -3.03 -22.08 -15.04
N GLY A 182 -3.77 -21.32 -14.22
CA GLY A 182 -4.03 -21.75 -12.86
C GLY A 182 -4.56 -23.16 -12.78
N GLU A 183 -5.62 -23.45 -13.55
CA GLU A 183 -6.21 -24.79 -13.52
C GLU A 183 -5.14 -25.85 -13.74
N ARG A 184 -4.34 -25.70 -14.80
CA ARG A 184 -3.28 -26.66 -15.06
C ARG A 184 -2.40 -26.81 -13.82
N VAL A 185 -1.94 -25.68 -13.26
CA VAL A 185 -1.12 -25.75 -12.07
C VAL A 185 -1.84 -26.54 -10.98
N ARG A 186 -3.12 -26.22 -10.76
CA ARG A 186 -3.89 -26.95 -9.76
C ARG A 186 -3.80 -28.45 -10.02
N GLN A 187 -4.03 -28.87 -11.26
CA GLN A 187 -3.94 -30.29 -11.58
C GLN A 187 -2.60 -30.84 -11.15
N ALA A 188 -1.52 -30.15 -11.52
CA ALA A 188 -0.19 -30.61 -11.13
C ALA A 188 -0.14 -30.86 -9.62
N LEU A 189 -0.60 -29.90 -8.83
CA LEU A 189 -0.59 -30.07 -7.39
C LEU A 189 -1.25 -31.38 -7.00
N LEU A 190 -2.46 -31.61 -7.50
CA LEU A 190 -3.15 -32.87 -7.17
C LEU A 190 -2.28 -34.05 -7.55
N LYS A 191 -1.75 -34.05 -8.77
CA LYS A 191 -0.90 -35.16 -9.19
C LYS A 191 0.25 -35.35 -8.21
N THR A 192 0.88 -34.25 -7.79
CA THR A 192 1.97 -34.37 -6.83
C THR A 192 1.54 -35.19 -5.63
N VAL A 193 0.39 -34.85 -5.04
CA VAL A 193 -0.08 -35.58 -3.87
C VAL A 193 -0.17 -37.06 -4.20
N GLN A 194 -0.80 -37.40 -5.32
CA GLN A 194 -0.88 -38.80 -5.71
C GLN A 194 0.49 -39.44 -5.72
N PHE A 195 1.45 -38.79 -6.40
CA PHE A 195 2.81 -39.33 -6.43
C PHE A 195 3.30 -39.60 -5.02
N CYS A 196 3.17 -38.61 -4.14
CA CYS A 196 3.64 -38.80 -2.78
C CYS A 196 2.99 -40.01 -2.14
N ASP A 197 1.68 -40.18 -2.32
CA ASP A 197 1.00 -41.34 -1.79
C ASP A 197 1.71 -42.61 -2.23
N ALA A 198 1.95 -42.74 -3.54
CA ALA A 198 2.61 -43.93 -4.04
C ALA A 198 3.90 -44.19 -3.27
N MET A 199 4.69 -43.14 -3.06
CA MET A 199 5.97 -43.32 -2.37
C MET A 199 5.75 -43.87 -0.97
N ARG A 200 4.78 -43.31 -0.22
CA ARG A 200 4.50 -43.88 1.09
C ARG A 200 4.13 -45.35 0.98
N ASN A 201 3.37 -45.71 -0.05
CA ASN A 201 3.01 -47.11 -0.23
C ASN A 201 4.19 -47.95 -0.70
N ALA A 202 5.19 -47.33 -1.35
CA ALA A 202 6.35 -48.03 -1.84
C ALA A 202 7.53 -47.99 -0.87
N GLY A 203 7.38 -47.35 0.28
CA GLY A 203 8.50 -47.24 1.20
C GLY A 203 9.69 -46.54 0.60
N ILE A 204 9.46 -45.47 -0.15
CA ILE A 204 10.50 -44.77 -0.88
C ILE A 204 10.68 -43.39 -0.23
N VAL A 205 11.93 -43.05 0.09
CA VAL A 205 12.28 -41.78 0.70
C VAL A 205 13.10 -40.99 -0.31
N GLY A 206 12.66 -39.78 -0.63
CA GLY A 206 13.38 -38.96 -1.59
C GLY A 206 12.91 -37.53 -1.55
N VAL A 207 13.61 -36.68 -2.29
CA VAL A 207 13.30 -35.26 -2.37
C VAL A 207 12.58 -35.00 -3.68
N LEU A 208 11.62 -34.08 -3.64
CA LEU A 208 10.80 -33.74 -4.81
C LEU A 208 11.13 -32.32 -5.25
N THR A 209 11.40 -32.16 -6.54
CA THR A 209 11.79 -30.88 -7.10
C THR A 209 10.91 -30.54 -8.30
N LEU A 210 10.75 -29.24 -8.55
CA LEU A 210 9.97 -28.82 -9.71
C LEU A 210 10.56 -29.33 -11.02
N ASP A 211 11.87 -29.60 -11.02
CA ASP A 211 12.55 -30.00 -12.25
C ASP A 211 11.98 -31.29 -12.82
N ASN A 212 11.42 -32.14 -11.98
CA ASN A 212 11.00 -33.49 -12.38
C ASN A 212 9.52 -33.60 -12.69
N GLN A 213 8.79 -32.48 -12.76
CA GLN A 213 7.35 -32.50 -13.02
C GLN A 213 7.09 -31.73 -14.30
N ASP A 214 6.77 -32.43 -15.37
CA ASP A 214 6.37 -31.77 -16.60
C ASP A 214 5.15 -30.91 -16.34
N LEU A 215 4.90 -29.98 -17.25
CA LEU A 215 3.77 -29.08 -17.07
C LEU A 215 2.43 -29.81 -17.19
N ASN A 216 2.43 -31.06 -17.65
CA ASN A 216 1.21 -31.87 -17.66
C ASN A 216 0.91 -32.48 -16.31
N GLY A 217 1.83 -32.36 -15.34
CA GLY A 217 1.62 -32.89 -14.00
C GLY A 217 2.28 -34.22 -13.74
N ASN A 218 2.91 -34.84 -14.73
CA ASN A 218 3.53 -36.15 -14.56
C ASN A 218 4.92 -36.01 -13.97
N TRP A 219 5.27 -36.91 -13.07
CA TRP A 219 6.58 -36.95 -12.43
C TRP A 219 7.43 -38.02 -13.10
N TYR A 220 8.62 -37.64 -13.56
CA TYR A 220 9.48 -38.53 -14.34
C TYR A 220 10.86 -38.68 -13.72
N ASP A 221 10.98 -38.55 -12.41
CA ASP A 221 12.24 -38.76 -11.71
C ASP A 221 12.07 -39.78 -10.60
N PHE A 222 12.91 -40.82 -10.63
CA PHE A 222 13.00 -41.79 -9.55
C PHE A 222 14.39 -41.81 -8.93
N GLY A 223 15.17 -40.74 -9.14
CA GLY A 223 16.51 -40.66 -8.59
C GLY A 223 16.53 -40.01 -7.22
N ASP A 224 17.61 -40.25 -6.49
CA ASP A 224 17.73 -39.85 -5.09
C ASP A 224 16.73 -40.58 -4.20
N PHE A 225 16.22 -41.71 -4.69
CA PHE A 225 15.17 -42.46 -4.01
C PHE A 225 15.82 -43.68 -3.35
N ILE A 226 15.65 -43.79 -2.03
CA ILE A 226 16.19 -44.90 -1.25
C ILE A 226 15.01 -45.71 -0.72
N GLN A 227 14.99 -47.00 -1.05
CA GLN A 227 13.91 -47.87 -0.62
C GLN A 227 14.00 -48.12 0.89
N THR A 228 12.84 -48.23 1.53
CA THR A 228 12.75 -48.48 2.96
C THR A 228 11.57 -49.40 3.21
N THR A 229 11.18 -49.52 4.48
CA THR A 229 10.06 -50.35 4.84
C THR A 229 8.79 -49.82 4.17
N PRO A 230 7.97 -50.67 3.55
CA PRO A 230 6.73 -50.17 2.94
C PRO A 230 5.84 -49.48 3.95
N GLY A 231 5.21 -48.38 3.52
CA GLY A 231 4.36 -47.60 4.39
C GLY A 231 5.09 -46.57 5.24
N SER A 232 6.42 -46.52 5.17
CA SER A 232 7.21 -45.58 5.95
C SER A 232 7.84 -44.48 5.10
N GLY A 233 7.55 -44.45 3.80
CA GLY A 233 8.15 -43.42 2.97
C GLY A 233 7.74 -42.02 3.42
N VAL A 234 8.70 -41.11 3.40
CA VAL A 234 8.47 -39.73 3.80
C VAL A 234 9.08 -38.80 2.77
N PRO A 235 8.29 -38.21 1.87
CA PRO A 235 8.85 -37.28 0.89
C PRO A 235 9.22 -35.94 1.50
N VAL A 236 10.16 -35.26 0.86
CA VAL A 236 10.59 -33.92 1.23
C VAL A 236 9.99 -32.96 0.22
N VAL A 237 9.09 -32.09 0.68
CA VAL A 237 8.36 -31.17 -0.20
C VAL A 237 8.58 -29.72 0.20
N ASP A 238 9.55 -29.45 1.08
CA ASP A 238 9.77 -28.07 1.51
C ASP A 238 10.16 -27.19 0.33
N SER A 239 11.19 -27.61 -0.41
CA SER A 239 11.68 -26.82 -1.53
C SER A 239 10.63 -26.71 -2.63
N TYR A 240 10.00 -27.83 -2.98
CA TYR A 240 9.04 -27.83 -4.08
C TYR A 240 7.90 -26.86 -3.83
N TYR A 241 7.15 -27.10 -2.75
CA TYR A 241 6.00 -26.25 -2.45
C TYR A 241 6.44 -24.82 -2.18
N SER A 242 7.57 -24.65 -1.49
CA SER A 242 8.05 -23.30 -1.18
C SER A 242 8.28 -22.49 -2.45
N LEU A 243 8.97 -23.08 -3.42
CA LEU A 243 9.24 -22.37 -4.66
C LEU A 243 7.97 -22.18 -5.50
N LEU A 244 7.06 -23.14 -5.46
CA LEU A 244 5.85 -23.02 -6.27
C LEU A 244 4.78 -22.14 -5.63
N MET A 245 4.98 -21.72 -4.37
CA MET A 245 3.97 -20.93 -3.68
C MET A 245 3.46 -19.71 -4.44
N PRO A 246 4.31 -18.80 -4.92
CA PRO A 246 3.77 -17.56 -5.53
C PRO A 246 2.90 -17.82 -6.75
N ILE A 247 3.25 -18.83 -7.55
CA ILE A 247 2.53 -19.05 -8.81
C ILE A 247 1.09 -19.43 -8.54
N LEU A 248 0.82 -20.09 -7.42
CA LEU A 248 -0.55 -20.51 -7.13
C LEU A 248 -1.50 -19.33 -7.07
N THR A 249 -1.10 -18.26 -6.36
CA THR A 249 -1.92 -17.05 -6.32
C THR A 249 -1.81 -16.25 -7.60
N LEU A 250 -0.61 -16.17 -8.18
CA LEU A 250 -0.46 -15.39 -9.41
C LEU A 250 -1.29 -15.98 -10.54
N THR A 251 -1.34 -17.31 -10.64
CA THR A 251 -2.15 -17.99 -11.64
C THR A 251 -3.56 -18.29 -11.15
N ARG A 252 -3.88 -17.98 -9.90
CA ARG A 252 -5.22 -18.20 -9.34
C ARG A 252 -5.66 -19.65 -9.58
N ALA A 253 -4.82 -20.57 -9.12
CA ALA A 253 -5.06 -21.99 -9.39
C ALA A 253 -6.33 -22.49 -8.72
N LEU A 254 -6.58 -22.07 -7.49
CA LEU A 254 -7.67 -22.61 -6.69
C LEU A 254 -9.04 -22.03 -7.05
N THR A 255 -9.14 -21.29 -8.16
CA THR A 255 -10.42 -20.72 -8.54
C THR A 255 -11.48 -21.82 -8.73
N ALA A 256 -11.07 -22.96 -9.26
CA ALA A 256 -12.02 -24.06 -9.46
C ALA A 256 -12.69 -24.47 -8.15
N GLU A 257 -12.01 -24.26 -7.02
CA GLU A 257 -12.60 -24.62 -5.74
C GLU A 257 -13.85 -23.80 -5.43
N SER A 258 -14.02 -22.64 -6.06
CA SER A 258 -15.19 -21.81 -5.83
C SER A 258 -16.42 -22.32 -6.57
N HIS A 259 -16.33 -23.46 -7.25
CA HIS A 259 -17.43 -24.04 -7.99
C HIS A 259 -17.88 -25.34 -7.33
N VAL A 260 -19.13 -25.70 -7.57
CA VAL A 260 -19.69 -26.93 -7.00
C VAL A 260 -18.99 -28.13 -7.62
N ASP A 261 -18.52 -29.03 -6.77
CA ASP A 261 -17.78 -30.23 -7.17
C ASP A 261 -16.50 -29.87 -7.92
N THR A 262 -15.96 -28.67 -7.68
CA THR A 262 -14.64 -28.28 -8.17
C THR A 262 -14.53 -28.40 -9.68
N ASP A 263 -15.52 -27.88 -10.40
CA ASP A 263 -15.48 -27.81 -11.85
C ASP A 263 -15.88 -26.41 -12.29
N LEU A 264 -15.04 -25.78 -13.12
CA LEU A 264 -15.30 -24.41 -13.53
C LEU A 264 -16.55 -24.30 -14.39
N THR A 265 -16.88 -25.35 -15.15
CA THR A 265 -18.04 -25.28 -16.03
C THR A 265 -19.33 -25.15 -15.23
N LYS A 266 -19.46 -25.90 -14.16
CA LYS A 266 -20.68 -25.91 -13.36
C LYS A 266 -20.77 -24.65 -12.50
N PRO A 267 -21.96 -24.30 -12.04
CA PRO A 267 -22.15 -22.99 -11.41
C PRO A 267 -21.46 -22.88 -10.06
N TYR A 268 -21.34 -21.64 -9.60
CA TYR A 268 -20.64 -21.35 -8.36
C TYR A 268 -21.36 -21.96 -7.16
N ILE A 269 -20.57 -22.31 -6.14
CA ILE A 269 -21.14 -22.80 -4.89
C ILE A 269 -21.76 -21.62 -4.14
N LYS A 270 -22.99 -21.80 -3.65
CA LYS A 270 -23.73 -20.76 -2.96
C LYS A 270 -23.65 -21.03 -1.46
N TRP A 271 -22.76 -20.32 -0.77
CA TRP A 271 -22.66 -20.43 0.67
C TRP A 271 -23.71 -19.57 1.36
N ASP A 272 -24.17 -20.04 2.51
CA ASP A 272 -25.11 -19.26 3.31
C ASP A 272 -24.47 -17.94 3.72
N LEU A 273 -25.24 -16.86 3.58
CA LEU A 273 -24.71 -15.54 3.93
C LEU A 273 -24.34 -15.47 5.41
N LEU A 274 -25.16 -16.09 6.27
CA LEU A 274 -24.90 -16.05 7.70
C LEU A 274 -23.63 -16.79 8.09
N LYS A 275 -23.16 -17.71 7.25
CA LYS A 275 -21.99 -18.51 7.58
C LYS A 275 -20.74 -17.65 7.59
N TYR A 276 -19.84 -17.95 8.54
CA TYR A 276 -18.55 -17.27 8.63
C TYR A 276 -17.40 -18.18 9.01
N ASP A 277 -17.62 -19.27 9.71
CA ASP A 277 -16.54 -20.16 10.15
C ASP A 277 -16.30 -21.19 9.06
N PHE A 278 -15.14 -21.11 8.41
CA PHE A 278 -14.75 -22.02 7.35
C PHE A 278 -13.57 -22.90 7.76
N THR A 279 -13.41 -23.14 9.07
CA THR A 279 -12.27 -23.91 9.55
C THR A 279 -12.24 -25.30 8.92
N GLU A 280 -13.40 -25.96 8.85
CA GLU A 280 -13.43 -27.29 8.25
C GLU A 280 -13.03 -27.23 6.78
N GLU A 281 -13.49 -26.22 6.06
CA GLU A 281 -13.11 -26.09 4.66
C GLU A 281 -11.62 -25.85 4.51
N ARG A 282 -11.03 -25.03 5.38
CA ARG A 282 -9.59 -24.80 5.31
C ARG A 282 -8.83 -26.08 5.58
N LEU A 283 -9.25 -26.85 6.59
CA LEU A 283 -8.58 -28.12 6.87
C LEU A 283 -8.71 -29.08 5.69
N LYS A 284 -9.89 -29.13 5.07
CA LYS A 284 -10.10 -30.00 3.91
C LYS A 284 -9.20 -29.59 2.75
N LEU A 285 -9.10 -28.29 2.48
CA LEU A 285 -8.23 -27.82 1.41
C LEU A 285 -6.78 -28.16 1.69
N PHE A 286 -6.34 -27.96 2.94
CA PHE A 286 -4.96 -28.31 3.30
C PHE A 286 -4.71 -29.80 3.13
N ASP A 287 -5.67 -30.63 3.52
CA ASP A 287 -5.51 -32.07 3.40
C ASP A 287 -5.51 -32.51 1.95
N ARG A 288 -6.23 -31.81 1.08
CA ARG A 288 -6.25 -32.19 -0.33
C ARG A 288 -5.01 -31.73 -1.07
N TYR A 289 -4.54 -30.51 -0.80
CA TYR A 289 -3.44 -29.92 -1.56
C TYR A 289 -2.09 -30.09 -0.87
N PHE A 290 -1.97 -29.60 0.36
CA PHE A 290 -0.71 -29.71 1.09
C PHE A 290 -0.79 -30.80 2.15
N LYS A 291 -1.10 -32.02 1.71
CA LYS A 291 -1.23 -33.13 2.65
C LYS A 291 0.11 -33.51 3.25
N TYR A 292 1.20 -33.31 2.52
CA TYR A 292 2.52 -33.75 2.92
C TYR A 292 3.37 -32.64 3.52
N TRP A 293 2.77 -31.50 3.86
CA TRP A 293 3.46 -30.44 4.57
C TRP A 293 3.47 -30.79 6.05
N ASP A 294 4.63 -31.26 6.54
CA ASP A 294 4.69 -31.81 7.89
C ASP A 294 4.36 -30.76 8.95
N GLN A 295 4.79 -29.53 8.75
CA GLN A 295 4.55 -28.50 9.76
C GLN A 295 3.05 -28.32 10.00
N THR A 296 2.69 -28.22 11.28
CA THR A 296 1.28 -28.07 11.63
C THR A 296 0.74 -26.74 11.12
N TYR A 297 -0.47 -26.79 10.57
CA TYR A 297 -1.14 -25.62 10.02
C TYR A 297 -2.38 -25.32 10.86
N HIS A 298 -2.48 -24.09 11.35
CA HIS A 298 -3.61 -23.68 12.18
C HIS A 298 -4.51 -22.76 11.37
N PRO A 299 -5.74 -23.18 11.02
CA PRO A 299 -6.63 -22.27 10.28
C PRO A 299 -6.87 -20.96 11.00
N ASN A 300 -6.98 -21.00 12.33
CA ASN A 300 -7.10 -19.80 13.15
C ASN A 300 -5.74 -19.50 13.77
N CYS A 301 -5.20 -18.32 13.48
CA CYS A 301 -3.87 -17.96 13.97
C CYS A 301 -3.82 -17.75 15.47
N VAL A 302 -4.97 -17.69 16.15
CA VAL A 302 -4.97 -17.53 17.59
C VAL A 302 -4.33 -18.72 18.29
N ASN A 303 -4.23 -19.86 17.61
CA ASN A 303 -3.60 -21.06 18.15
C ASN A 303 -2.20 -21.28 17.58
N CYS A 304 -1.46 -20.19 17.35
CA CYS A 304 -0.13 -20.25 16.77
C CYS A 304 0.91 -20.20 17.88
N LEU A 305 1.99 -20.98 17.72
CA LEU A 305 2.99 -21.09 18.77
C LEU A 305 3.84 -19.83 18.86
N ASP A 306 4.25 -19.27 17.72
CA ASP A 306 5.14 -18.12 17.71
C ASP A 306 4.89 -17.30 16.45
N ASP A 307 5.64 -16.21 16.31
CA ASP A 307 5.46 -15.31 15.18
C ASP A 307 5.71 -16.02 13.86
N ARG A 308 6.69 -16.93 13.83
CA ARG A 308 6.95 -17.68 12.60
C ARG A 308 5.77 -18.58 12.25
N CYS A 309 5.16 -19.22 13.26
CA CYS A 309 3.97 -20.01 13.02
C CYS A 309 2.82 -19.12 12.55
N ILE A 310 2.70 -17.92 13.11
CA ILE A 310 1.66 -16.99 12.66
C ILE A 310 1.88 -16.64 11.19
N LEU A 311 3.13 -16.37 10.81
CA LEU A 311 3.41 -16.04 9.41
C LEU A 311 3.07 -17.20 8.49
N HIS A 312 3.41 -18.43 8.90
CA HIS A 312 3.11 -19.59 8.07
C HIS A 312 1.59 -19.78 7.91
N CYS A 313 0.86 -19.71 9.02
CA CYS A 313 -0.58 -19.88 8.97
C CYS A 313 -1.24 -18.78 8.15
N ALA A 314 -0.75 -17.54 8.28
CA ALA A 314 -1.29 -16.44 7.48
C ALA A 314 -0.99 -16.63 6.01
N ASN A 315 0.20 -17.13 5.69
CA ASN A 315 0.55 -17.38 4.29
C ASN A 315 -0.42 -18.39 3.68
N PHE A 316 -0.72 -19.47 4.41
CA PHE A 316 -1.68 -20.44 3.87
C PHE A 316 -3.09 -19.86 3.83
N ASN A 317 -3.48 -19.08 4.84
CA ASN A 317 -4.82 -18.54 4.90
C ASN A 317 -5.06 -17.52 3.78
N VAL A 318 -4.02 -16.81 3.35
CA VAL A 318 -4.19 -15.88 2.24
C VAL A 318 -4.65 -16.61 0.99
N LEU A 319 -4.02 -17.74 0.69
CA LEU A 319 -4.45 -18.54 -0.44
C LEU A 319 -5.84 -19.14 -0.21
N PHE A 320 -6.09 -19.64 0.99
CA PHE A 320 -7.36 -20.34 1.24
C PHE A 320 -8.54 -19.38 1.24
N SER A 321 -8.32 -18.09 1.54
CA SER A 321 -9.43 -17.15 1.66
C SER A 321 -10.04 -16.76 0.33
N THR A 322 -9.28 -16.89 -0.77
CA THR A 322 -9.79 -16.47 -2.07
C THR A 322 -11.02 -17.29 -2.46
N VAL A 323 -11.06 -18.57 -2.08
CA VAL A 323 -12.19 -19.42 -2.44
C VAL A 323 -13.46 -18.94 -1.74
N PHE A 324 -13.36 -18.61 -0.47
CA PHE A 324 -14.56 -18.31 0.31
C PHE A 324 -15.19 -16.99 -0.15
N PRO A 325 -16.50 -16.84 0.04
CA PRO A 325 -17.18 -15.61 -0.42
C PRO A 325 -16.62 -14.38 0.27
N PRO A 326 -16.50 -13.26 -0.45
CA PRO A 326 -15.95 -12.05 0.17
C PRO A 326 -16.81 -11.51 1.31
N THR A 327 -18.13 -11.67 1.24
CA THR A 327 -18.99 -11.07 2.24
C THR A 327 -18.79 -11.68 3.61
N SER A 328 -18.34 -12.94 3.68
CA SER A 328 -18.13 -13.59 4.97
C SER A 328 -17.05 -12.87 5.78
N PHE A 329 -15.98 -12.44 5.12
CA PHE A 329 -14.90 -11.75 5.81
C PHE A 329 -15.36 -10.38 6.29
N GLY A 330 -14.83 -9.97 7.44
CA GLY A 330 -15.17 -8.70 8.03
C GLY A 330 -15.55 -8.83 9.49
N PRO A 331 -15.93 -7.71 10.10
CA PRO A 331 -16.29 -7.74 11.52
C PRO A 331 -17.47 -8.68 11.79
N LEU A 332 -17.43 -9.32 12.95
CA LEU A 332 -18.51 -10.18 13.41
C LEU A 332 -19.28 -9.44 14.50
N VAL A 333 -20.60 -9.42 14.39
CA VAL A 333 -21.43 -8.62 15.27
C VAL A 333 -22.54 -9.48 15.86
N ARG A 334 -23.07 -9.01 16.99
CA ARG A 334 -24.17 -9.67 17.68
C ARG A 334 -25.03 -8.62 18.36
N LYS A 335 -26.29 -8.95 18.56
CA LYS A 335 -27.23 -8.09 19.27
C LYS A 335 -27.19 -8.43 20.75
N ILE A 336 -27.10 -7.40 21.59
CA ILE A 336 -27.02 -7.53 23.04
C ILE A 336 -28.00 -6.55 23.67
N PHE A 337 -28.29 -6.79 24.94
CA PHE A 337 -29.23 -5.96 25.70
C PHE A 337 -28.44 -5.15 26.72
N VAL A 338 -28.38 -3.83 26.51
CA VAL A 338 -27.66 -2.93 27.41
C VAL A 338 -28.65 -1.88 27.90
N ASP A 339 -28.80 -1.78 29.22
CA ASP A 339 -29.74 -0.84 29.82
C ASP A 339 -31.15 -1.05 29.26
N GLY A 340 -31.50 -2.31 29.02
CA GLY A 340 -32.79 -2.62 28.42
C GLY A 340 -32.96 -2.05 27.03
N VAL A 341 -31.88 -2.02 26.25
CA VAL A 341 -31.93 -1.47 24.89
C VAL A 341 -31.13 -2.38 23.97
N PRO A 342 -31.65 -2.75 22.80
CA PRO A 342 -30.83 -3.49 21.83
C PRO A 342 -29.64 -2.67 21.35
N PHE A 343 -28.47 -3.30 21.33
CA PHE A 343 -27.28 -2.72 20.73
C PHE A 343 -26.60 -3.77 19.86
N VAL A 344 -26.28 -3.41 18.63
CA VAL A 344 -25.54 -4.28 17.72
C VAL A 344 -24.06 -3.96 17.89
N VAL A 345 -23.31 -4.89 18.49
CA VAL A 345 -21.92 -4.65 18.86
C VAL A 345 -21.06 -5.77 18.27
N SER A 346 -19.85 -5.39 17.84
CA SER A 346 -18.92 -6.38 17.29
C SER A 346 -18.38 -7.28 18.39
N THR A 347 -18.34 -8.58 18.12
CA THR A 347 -17.85 -9.56 19.07
C THR A 347 -16.77 -10.45 18.45
N GLY A 348 -16.16 -10.03 17.36
CA GLY A 348 -15.13 -10.81 16.71
C GLY A 348 -14.75 -10.20 15.39
N TYR A 349 -13.88 -10.89 14.67
CA TYR A 349 -13.44 -10.44 13.37
C TYR A 349 -12.98 -11.64 12.55
N HIS A 350 -13.33 -11.63 11.27
CA HIS A 350 -12.87 -12.63 10.32
C HIS A 350 -11.80 -12.00 9.42
N PHE A 351 -10.58 -12.50 9.52
CA PHE A 351 -9.46 -12.03 8.74
C PHE A 351 -9.14 -13.04 7.65
N ARG A 352 -8.90 -12.54 6.43
CA ARG A 352 -8.54 -13.43 5.33
C ARG A 352 -7.27 -14.21 5.62
N GLU A 353 -6.44 -13.73 6.55
CA GLU A 353 -5.18 -14.36 6.90
C GLU A 353 -5.15 -14.92 8.32
N LEU A 354 -5.80 -14.27 9.28
CA LEU A 354 -5.79 -14.72 10.66
C LEU A 354 -7.02 -15.53 11.04
N GLY A 355 -7.93 -15.79 10.11
CA GLY A 355 -9.08 -16.61 10.44
C GLY A 355 -10.05 -15.90 11.36
N VAL A 356 -10.74 -16.68 12.19
CA VAL A 356 -11.77 -16.16 13.07
C VAL A 356 -11.14 -15.82 14.42
N VAL A 357 -11.41 -14.61 14.92
CA VAL A 357 -10.94 -14.17 16.22
C VAL A 357 -12.15 -13.71 17.03
N HIS A 358 -12.30 -14.26 18.23
CA HIS A 358 -13.44 -13.95 19.08
C HIS A 358 -12.97 -13.16 20.30
N ASN A 359 -13.72 -12.10 20.63
CA ASN A 359 -13.37 -11.28 21.78
C ASN A 359 -13.50 -12.08 23.06
N GLN A 360 -12.55 -11.90 23.97
CA GLN A 360 -12.53 -12.63 25.23
C GLN A 360 -13.38 -11.98 26.31
N ASP A 361 -13.56 -10.66 26.25
CA ASP A 361 -14.30 -9.91 27.26
C ASP A 361 -15.66 -9.46 26.74
N VAL A 362 -16.31 -10.30 25.92
CA VAL A 362 -17.62 -9.97 25.40
C VAL A 362 -18.65 -10.05 26.53
N ASN A 363 -19.51 -9.05 26.62
CA ASN A 363 -20.54 -8.99 27.65
C ASN A 363 -21.86 -8.58 27.01
N LEU A 364 -22.95 -8.97 27.65
CA LEU A 364 -24.28 -8.65 27.16
C LEU A 364 -25.24 -8.36 28.33
N SER A 370 -19.69 3.90 30.61
CA SER A 370 -18.42 4.59 30.80
C SER A 370 -17.97 5.24 29.50
N PHE A 371 -17.05 6.20 29.61
CA PHE A 371 -16.55 6.88 28.41
C PHE A 371 -15.83 5.89 27.50
N LYS A 372 -15.02 5.00 28.09
CA LYS A 372 -14.29 4.01 27.31
C LYS A 372 -15.22 3.17 26.46
N GLU A 373 -16.27 2.61 27.06
CA GLU A 373 -17.19 1.79 26.29
C GLU A 373 -17.90 2.62 25.23
N LEU A 374 -18.11 3.91 25.49
CA LEU A 374 -18.68 4.77 24.46
C LEU A 374 -17.76 4.89 23.25
N LEU A 375 -16.46 5.08 23.48
CA LEU A 375 -15.53 5.05 22.35
C LEU A 375 -15.54 3.71 21.64
N VAL A 376 -15.55 2.61 22.41
CA VAL A 376 -15.52 1.29 21.80
C VAL A 376 -16.73 1.09 20.90
N TYR A 377 -17.90 1.54 21.36
CA TYR A 377 -19.12 1.39 20.56
C TYR A 377 -19.09 2.31 19.34
N ALA A 378 -18.73 3.58 19.53
CA ALA A 378 -18.78 4.54 18.42
C ALA A 378 -17.79 4.15 17.32
N ALA A 379 -16.56 3.80 17.69
CA ALA A 379 -15.57 3.42 16.69
C ALA A 379 -15.97 2.16 15.95
N ASP A 380 -16.80 1.32 16.54
CA ASP A 380 -17.20 0.08 15.89
C ASP A 380 -18.06 0.40 14.67
N PRO A 381 -17.71 -0.12 13.48
CA PRO A 381 -18.57 0.13 12.31
C PRO A 381 -19.89 -0.61 12.33
N ALA A 382 -20.12 -1.47 13.34
CA ALA A 382 -21.33 -2.30 13.35
C ALA A 382 -22.58 -1.43 13.36
N MET A 383 -22.65 -0.46 14.28
CA MET A 383 -23.86 0.35 14.41
C MET A 383 -24.12 1.16 13.14
N HIS A 384 -23.06 1.79 12.61
CA HIS A 384 -23.22 2.60 11.41
C HIS A 384 -23.67 1.76 10.23
N ALA A 385 -23.03 0.60 10.03
CA ALA A 385 -23.40 -0.26 8.92
C ALA A 385 -24.83 -0.77 9.06
N ALA A 386 -25.23 -1.13 10.28
CA ALA A 386 -26.60 -1.59 10.49
C ALA A 386 -27.60 -0.47 10.21
N SER A 387 -27.28 0.76 10.60
CA SER A 387 -28.18 1.89 10.40
C SER A 387 -28.04 2.51 9.02
N GLY A 388 -27.12 2.03 8.19
CA GLY A 388 -26.90 2.60 6.87
C GLY A 388 -27.61 1.82 5.78
N ASN A 389 -28.07 2.55 4.77
CA ASN A 389 -28.77 1.93 3.65
C ASN A 389 -27.79 1.17 2.76
N LEU A 390 -28.31 0.14 2.10
CA LEU A 390 -27.49 -0.65 1.19
C LEU A 390 -27.02 0.22 0.03
N LEU A 391 -25.78 0.01 -0.38
CA LEU A 391 -25.16 0.80 -1.44
C LEU A 391 -24.51 -0.13 -2.46
N LEU A 392 -24.69 0.20 -3.73
CA LEU A 392 -24.03 -0.50 -4.82
C LEU A 392 -23.33 0.54 -5.69
N ASP A 393 -22.00 0.47 -5.75
CA ASP A 393 -21.20 1.43 -6.50
C ASP A 393 -20.53 0.71 -7.67
N LYS A 394 -20.87 1.14 -8.88
CA LYS A 394 -20.25 0.62 -10.09
C LYS A 394 -19.02 1.41 -10.52
N ARG A 395 -18.70 2.49 -9.80
CA ARG A 395 -17.50 3.27 -10.13
C ARG A 395 -16.21 2.57 -9.70
N THR A 396 -16.30 1.59 -8.80
CA THR A 396 -15.13 0.89 -8.30
C THR A 396 -15.40 -0.61 -8.29
N THR A 397 -14.33 -1.39 -8.36
CA THR A 397 -14.42 -2.84 -8.32
C THR A 397 -14.39 -3.40 -6.90
N CYS A 398 -14.21 -2.55 -5.89
CA CYS A 398 -14.13 -3.00 -4.52
C CYS A 398 -15.53 -3.21 -3.94
N PHE A 399 -15.59 -3.99 -2.87
CA PHE A 399 -16.86 -4.28 -2.22
C PHE A 399 -17.40 -3.02 -1.55
N SER A 400 -18.70 -2.82 -1.70
CA SER A 400 -19.39 -1.69 -1.09
C SER A 400 -20.25 -2.18 0.07
N VAL A 401 -20.16 -1.51 1.21
CA VAL A 401 -20.85 -1.93 2.43
C VAL A 401 -22.22 -1.29 2.49
N ALA A 402 -22.26 0.00 2.83
CA ALA A 402 -23.54 0.68 3.04
C ALA A 402 -23.33 2.18 2.82
N ALA A 403 -24.42 2.92 2.89
CA ALA A 403 -24.42 4.37 2.72
C ALA A 403 -24.99 5.01 3.99
N LEU A 404 -24.21 5.90 4.60
CA LEU A 404 -24.63 6.60 5.80
C LEU A 404 -25.25 7.95 5.52
N THR A 405 -25.37 8.34 4.24
CA THR A 405 -25.95 9.63 3.87
C THR A 405 -27.03 9.40 2.81
N ASN A 406 -28.08 10.21 2.87
CA ASN A 406 -29.16 10.09 1.90
C ASN A 406 -28.69 10.40 0.49
N ASN A 407 -27.69 11.26 0.35
CA ASN A 407 -27.15 11.64 -0.94
C ASN A 407 -25.64 11.41 -0.97
N VAL A 408 -25.13 11.12 -2.17
CA VAL A 408 -23.70 10.92 -2.34
C VAL A 408 -22.99 12.27 -2.27
N ALA A 409 -21.77 12.27 -1.73
CA ALA A 409 -20.98 13.48 -1.54
C ALA A 409 -19.82 13.48 -2.52
N PHE A 410 -19.65 14.61 -3.22
CA PHE A 410 -18.55 14.80 -4.16
C PHE A 410 -17.69 15.96 -3.69
N GLN A 411 -16.40 15.72 -3.57
CA GLN A 411 -15.44 16.72 -3.12
C GLN A 411 -14.48 17.07 -4.26
N THR A 412 -14.14 18.35 -4.37
CA THR A 412 -13.30 18.84 -5.43
C THR A 412 -12.08 19.54 -4.84
N VAL A 413 -11.01 19.60 -5.65
CA VAL A 413 -9.77 20.26 -5.27
C VAL A 413 -9.75 21.63 -5.93
N LYS A 414 -9.59 22.68 -5.13
CA LYS A 414 -9.63 24.03 -5.64
C LYS A 414 -8.35 24.38 -6.39
N PRO A 415 -8.39 25.38 -7.26
CA PRO A 415 -7.16 25.81 -7.94
C PRO A 415 -6.20 26.49 -6.98
N GLY A 416 -4.92 26.43 -7.31
CA GLY A 416 -3.92 27.09 -6.49
C GLY A 416 -3.94 28.59 -6.65
N ASN A 417 -3.66 29.29 -5.56
CA ASN A 417 -3.59 30.75 -5.60
C ASN A 417 -2.28 31.19 -6.21
N PHE A 418 -2.32 32.30 -6.95
CA PHE A 418 -1.16 32.83 -7.64
C PHE A 418 -0.62 34.05 -6.91
N ASN A 419 0.70 34.06 -6.69
CA ASN A 419 1.38 35.20 -6.08
C ASN A 419 1.90 36.08 -7.20
N LYS A 420 1.14 37.11 -7.56
CA LYS A 420 1.53 37.98 -8.67
C LYS A 420 2.84 38.70 -8.36
N ASP A 421 3.03 39.13 -7.12
CA ASP A 421 4.20 39.93 -6.78
C ASP A 421 5.49 39.17 -7.04
N PHE A 422 5.57 37.92 -6.56
CA PHE A 422 6.81 37.17 -6.71
C PHE A 422 7.09 36.84 -8.17
N TYR A 423 6.06 36.47 -8.94
CA TYR A 423 6.26 36.19 -10.35
C TYR A 423 6.73 37.43 -11.10
N ASP A 424 6.12 38.58 -10.82
CA ASP A 424 6.55 39.81 -11.47
C ASP A 424 7.99 40.16 -11.10
N PHE A 425 8.34 39.97 -9.83
CA PHE A 425 9.71 40.23 -9.40
C PHE A 425 10.69 39.33 -10.12
N ALA A 426 10.37 38.04 -10.23
CA ALA A 426 11.26 37.11 -10.92
C ALA A 426 11.39 37.47 -12.39
N VAL A 427 10.28 37.84 -13.03
CA VAL A 427 10.33 38.22 -14.44
C VAL A 427 11.21 39.45 -14.63
N SER A 428 11.05 40.45 -13.76
CA SER A 428 11.82 41.68 -13.89
C SER A 428 13.32 41.42 -13.75
N LYS A 429 13.70 40.38 -13.02
CA LYS A 429 15.11 40.07 -12.78
C LYS A 429 15.71 39.18 -13.85
N GLY A 430 14.97 38.85 -14.90
CA GLY A 430 15.49 38.08 -16.00
C GLY A 430 15.21 36.59 -15.97
N PHE A 431 14.39 36.13 -15.04
CA PHE A 431 14.07 34.71 -14.94
C PHE A 431 12.92 34.34 -15.86
N PHE A 432 12.77 33.03 -16.05
CA PHE A 432 11.61 32.46 -16.73
C PHE A 432 11.50 32.98 -18.16
N LYS A 433 12.66 33.15 -18.81
CA LYS A 433 12.69 33.60 -20.19
C LYS A 433 12.51 32.42 -21.14
N GLU A 434 12.54 32.71 -22.43
CA GLU A 434 12.38 31.67 -23.43
C GLU A 434 13.66 30.84 -23.51
N GLY A 435 13.50 29.51 -23.45
CA GLY A 435 14.62 28.61 -23.53
C GLY A 435 15.38 28.40 -22.25
N SER A 436 14.98 29.04 -21.16
CA SER A 436 15.68 28.86 -19.88
C SER A 436 15.50 27.45 -19.37
N SER A 437 16.58 26.90 -18.79
CA SER A 437 16.51 25.55 -18.24
C SER A 437 15.52 25.49 -17.09
N VAL A 438 15.49 26.50 -16.24
CA VAL A 438 14.61 26.53 -15.08
C VAL A 438 13.22 26.98 -15.54
N GLU A 439 12.21 26.17 -15.24
CA GLU A 439 10.83 26.45 -15.64
C GLU A 439 9.88 25.95 -14.55
N LEU A 440 8.62 26.36 -14.65
CA LEU A 440 7.59 25.93 -13.72
C LEU A 440 7.11 24.55 -14.12
N LYS A 441 7.41 23.54 -13.29
CA LYS A 441 6.94 22.18 -13.50
C LYS A 441 6.15 21.67 -12.31
N HIS A 442 5.91 22.49 -11.30
CA HIS A 442 5.14 22.09 -10.12
C HIS A 442 4.00 23.08 -9.92
N PHE A 443 2.78 22.56 -9.75
CA PHE A 443 1.61 23.40 -9.66
C PHE A 443 0.61 22.76 -8.70
N PHE A 444 -0.43 23.53 -8.36
CA PHE A 444 -1.62 23.00 -7.73
C PHE A 444 -2.58 22.55 -8.83
N PHE A 445 -2.96 21.28 -8.80
CA PHE A 445 -3.77 20.67 -9.85
C PHE A 445 -5.18 20.47 -9.32
N ALA A 446 -6.14 21.16 -9.92
CA ALA A 446 -7.53 21.02 -9.52
C ALA A 446 -8.09 19.67 -10.00
N GLN A 447 -9.11 19.19 -9.30
CA GLN A 447 -9.69 17.89 -9.58
C GLN A 447 -11.21 18.00 -9.52
N ASP A 448 -11.87 17.11 -10.25
CA ASP A 448 -13.33 17.09 -10.30
C ASP A 448 -13.88 16.37 -9.07
N GLY A 449 -15.21 16.18 -9.03
CA GLY A 449 -15.83 15.55 -7.89
C GLY A 449 -15.65 14.05 -7.80
N ASN A 450 -15.26 13.41 -8.89
CA ASN A 450 -15.07 11.97 -8.93
C ASN A 450 -13.64 11.55 -8.64
N ALA A 451 -12.76 12.48 -8.29
CA ALA A 451 -11.35 12.15 -8.11
C ALA A 451 -11.16 11.18 -6.94
N ALA A 452 -11.68 11.55 -5.76
CA ALA A 452 -11.43 10.73 -4.57
C ALA A 452 -11.77 9.28 -4.82
N ILE A 453 -13.02 9.01 -5.19
CA ILE A 453 -13.44 7.63 -5.43
C ILE A 453 -12.50 6.97 -6.44
N SER A 454 -12.19 7.68 -7.52
CA SER A 454 -11.32 7.12 -8.54
C SER A 454 -10.00 6.67 -7.94
N ASP A 455 -9.38 7.49 -7.09
CA ASP A 455 -8.11 7.09 -6.49
C ASP A 455 -8.29 5.85 -5.63
N TYR A 456 -9.39 5.78 -4.89
CA TYR A 456 -9.68 4.57 -4.12
C TYR A 456 -9.74 3.36 -5.03
N ASP A 457 -10.24 3.52 -6.25
CA ASP A 457 -10.30 2.39 -7.17
C ASP A 457 -8.92 1.83 -7.47
N TYR A 458 -7.86 2.64 -7.28
CA TYR A 458 -6.51 2.15 -7.50
C TYR A 458 -6.16 1.02 -6.54
N TYR A 459 -6.83 0.93 -5.39
CA TYR A 459 -6.64 -0.21 -4.51
C TYR A 459 -6.95 -1.53 -5.20
N ARG A 460 -7.55 -1.50 -6.38
CA ARG A 460 -7.73 -2.71 -7.16
C ARG A 460 -6.41 -3.39 -7.48
N TYR A 461 -5.30 -2.64 -7.48
CA TYR A 461 -4.00 -3.21 -7.81
C TYR A 461 -3.46 -4.11 -6.72
N ASN A 462 -4.08 -4.14 -5.55
CA ASN A 462 -3.65 -5.00 -4.45
C ASN A 462 -4.31 -6.36 -4.63
N LEU A 463 -3.51 -7.38 -4.93
CA LEU A 463 -4.01 -8.72 -5.20
C LEU A 463 -3.60 -9.67 -4.08
N PRO A 464 -4.35 -10.76 -3.88
CA PRO A 464 -3.90 -11.78 -2.91
C PRO A 464 -2.56 -12.37 -3.33
N THR A 465 -1.58 -12.25 -2.44
CA THR A 465 -0.22 -12.68 -2.73
C THR A 465 0.22 -13.65 -1.65
N MET A 466 0.70 -14.82 -2.06
CA MET A 466 1.22 -15.84 -1.17
C MET A 466 2.73 -15.95 -1.39
N CYS A 467 3.50 -15.84 -0.32
CA CYS A 467 4.94 -15.72 -0.39
C CYS A 467 5.62 -17.04 -0.06
N ASP A 468 6.78 -17.26 -0.67
CA ASP A 468 7.63 -18.39 -0.32
C ASP A 468 7.88 -18.37 1.18
N ILE A 469 7.23 -19.27 1.92
CA ILE A 469 7.22 -19.18 3.37
C ILE A 469 8.63 -19.35 3.92
N ARG A 470 9.39 -20.31 3.40
CA ARG A 470 10.77 -20.48 3.88
C ARG A 470 11.61 -19.26 3.58
N GLN A 471 11.51 -18.73 2.36
CA GLN A 471 12.27 -17.54 2.00
C GLN A 471 11.85 -16.35 2.86
N LEU A 472 10.56 -16.18 3.07
CA LEU A 472 10.10 -15.07 3.90
C LEU A 472 10.58 -15.20 5.33
N LEU A 473 10.56 -16.42 5.87
CA LEU A 473 11.03 -16.65 7.24
C LEU A 473 12.51 -16.30 7.36
N PHE A 474 13.33 -16.77 6.43
CA PHE A 474 14.74 -16.45 6.48
C PHE A 474 14.98 -14.95 6.31
N VAL A 475 14.21 -14.32 5.41
CA VAL A 475 14.39 -12.90 5.17
C VAL A 475 14.04 -12.10 6.41
N VAL A 476 12.95 -12.46 7.11
CA VAL A 476 12.59 -11.74 8.31
C VAL A 476 13.60 -11.98 9.42
N GLU A 477 14.16 -13.20 9.49
CA GLU A 477 15.22 -13.45 10.46
C GLU A 477 16.42 -12.55 10.19
N VAL A 478 16.80 -12.39 8.92
CA VAL A 478 17.91 -11.50 8.58
C VAL A 478 17.55 -10.06 8.92
N VAL A 479 16.32 -9.66 8.62
CA VAL A 479 15.91 -8.27 8.83
C VAL A 479 15.93 -7.93 10.33
N ASP A 480 15.58 -8.91 11.17
CA ASP A 480 15.57 -8.66 12.60
C ASP A 480 16.93 -8.15 13.09
N LYS A 481 18.01 -8.55 12.42
CA LYS A 481 19.33 -8.06 12.79
C LYS A 481 19.45 -6.56 12.57
N TYR A 482 18.81 -6.05 11.51
CA TYR A 482 18.85 -4.62 11.23
C TYR A 482 18.17 -3.78 12.31
N PHE A 483 17.36 -4.41 13.18
CA PHE A 483 16.64 -3.69 14.22
C PHE A 483 17.02 -4.18 15.61
N ASP A 484 18.20 -4.77 15.77
CA ASP A 484 18.62 -5.25 17.08
C ASP A 484 19.04 -4.12 18.01
N CYS A 485 19.71 -3.10 17.47
CA CYS A 485 20.22 -2.02 18.32
C CYS A 485 19.10 -1.23 18.97
N TYR A 486 17.96 -1.11 18.29
CA TYR A 486 16.83 -0.37 18.84
C TYR A 486 16.24 -1.10 20.04
N ASP A 487 15.63 -0.31 20.93
CA ASP A 487 14.95 -0.83 22.12
C ASP A 487 13.47 -0.47 22.01
N GLY A 488 12.61 -1.44 22.25
CA GLY A 488 11.18 -1.24 22.14
C GLY A 488 10.43 -1.87 23.29
N GLY A 489 9.18 -1.46 23.43
CA GLY A 489 8.33 -1.96 24.48
C GLY A 489 7.11 -1.08 24.66
N CYS A 490 6.27 -1.48 25.60
CA CYS A 490 5.05 -0.75 25.91
C CYS A 490 5.35 0.39 26.87
N ILE A 491 4.56 1.46 26.76
CA ILE A 491 4.68 2.62 27.64
C ILE A 491 3.29 2.99 28.14
N ASN A 492 3.27 3.67 29.28
CA ASN A 492 2.01 4.11 29.86
C ASN A 492 1.53 5.37 29.16
N ALA A 493 0.29 5.76 29.47
CA ALA A 493 -0.30 6.92 28.82
C ALA A 493 0.49 8.20 29.12
N ASN A 494 0.97 8.32 30.36
CA ASN A 494 1.73 9.51 30.74
C ASN A 494 3.05 9.63 30.00
N GLN A 495 3.53 8.54 29.38
CA GLN A 495 4.79 8.56 28.63
C GLN A 495 4.58 8.71 27.13
N VAL A 496 3.36 8.99 26.69
CA VAL A 496 3.06 9.14 25.27
C VAL A 496 3.21 10.61 24.89
N ILE A 497 3.91 10.86 23.78
CA ILE A 497 4.13 12.21 23.28
C ILE A 497 3.45 12.33 21.93
N VAL A 498 2.64 13.38 21.76
CA VAL A 498 1.94 13.67 20.52
C VAL A 498 2.42 15.03 20.03
N ASN A 499 2.93 15.06 18.80
CA ASN A 499 3.49 16.31 18.27
C ASN A 499 2.40 17.37 18.09
N ASN A 500 1.31 17.01 17.43
CA ASN A 500 0.23 17.94 17.15
C ASN A 500 -1.09 17.32 17.60
N LEU A 501 -1.88 18.09 18.35
CA LEU A 501 -3.19 17.66 18.81
C LEU A 501 -4.33 18.26 18.00
N ASP A 502 -4.06 19.30 17.21
CA ASP A 502 -5.08 19.99 16.41
C ASP A 502 -5.58 19.16 15.25
N LYS A 503 -5.23 17.88 15.12
CA LYS A 503 -5.58 17.09 13.96
C LYS A 503 -6.95 16.45 14.15
N SER A 504 -7.42 15.75 13.12
CA SER A 504 -8.73 15.13 13.14
C SER A 504 -8.70 13.79 13.86
N ALA A 505 -9.81 13.47 14.52
CA ALA A 505 -9.94 12.25 15.29
C ALA A 505 -10.59 11.10 14.52
N GLY A 506 -10.97 11.32 13.26
CA GLY A 506 -11.61 10.30 12.47
C GLY A 506 -13.12 10.26 12.67
N PHE A 507 -13.75 9.32 11.96
CA PHE A 507 -15.20 9.19 12.01
C PHE A 507 -15.60 8.12 13.01
N PRO A 508 -16.65 8.34 13.83
CA PRO A 508 -17.48 9.55 13.93
C PRO A 508 -16.88 10.58 14.87
N PHE A 509 -15.60 10.38 15.21
CA PHE A 509 -14.92 11.23 16.16
C PHE A 509 -14.69 12.64 15.64
N ASN A 510 -14.67 12.84 14.32
CA ASN A 510 -14.43 14.16 13.78
C ASN A 510 -15.64 15.08 13.94
N LYS A 511 -16.83 14.52 14.13
CA LYS A 511 -18.03 15.35 14.24
C LYS A 511 -18.03 16.20 15.50
N TRP A 512 -17.48 15.67 16.61
CA TRP A 512 -17.66 16.28 17.91
C TRP A 512 -16.46 17.07 18.40
N GLY A 513 -15.27 16.80 17.90
CA GLY A 513 -14.10 17.55 18.34
C GLY A 513 -12.83 16.98 17.75
N LYS A 514 -11.72 17.60 18.15
CA LYS A 514 -10.39 17.21 17.70
C LYS A 514 -9.77 16.27 18.73
N ALA A 515 -8.46 16.06 18.63
CA ALA A 515 -7.78 15.14 19.53
C ALA A 515 -7.63 15.72 20.94
N ARG A 516 -7.56 17.05 21.06
CA ARG A 516 -7.46 17.66 22.38
C ARG A 516 -8.62 17.20 23.26
N LEU A 517 -9.83 17.25 22.70
CA LEU A 517 -11.02 16.86 23.44
C LEU A 517 -10.91 15.45 24.01
N TYR A 518 -10.52 14.51 23.16
CA TYR A 518 -10.54 13.10 23.56
C TYR A 518 -9.39 12.79 24.51
N TYR A 519 -8.22 13.41 24.28
CA TYR A 519 -7.09 13.16 25.16
C TYR A 519 -7.31 13.78 26.53
N ASP A 520 -7.99 14.93 26.60
CA ASP A 520 -8.29 15.53 27.90
C ASP A 520 -9.44 14.82 28.60
N SER A 521 -10.42 14.31 27.83
CA SER A 521 -11.58 13.68 28.44
C SER A 521 -11.19 12.45 29.25
N MET A 522 -10.30 11.63 28.72
CA MET A 522 -9.88 10.39 29.37
C MET A 522 -8.61 10.62 30.16
N SER A 523 -8.62 10.21 31.43
CA SER A 523 -7.41 10.23 32.24
C SER A 523 -6.48 9.10 31.79
N TYR A 524 -5.24 9.14 32.30
CA TYR A 524 -4.27 8.13 31.94
C TYR A 524 -4.76 6.73 32.28
N GLU A 525 -5.55 6.60 33.35
CA GLU A 525 -6.08 5.29 33.72
C GLU A 525 -7.04 4.77 32.65
N ASP A 526 -7.89 5.64 32.10
CA ASP A 526 -8.80 5.22 31.05
C ASP A 526 -8.04 4.77 29.81
N GLN A 527 -6.98 5.50 29.44
CA GLN A 527 -6.18 5.11 28.29
C GLN A 527 -5.50 3.77 28.52
N ASP A 528 -4.98 3.56 29.74
CA ASP A 528 -4.36 2.27 30.06
C ASP A 528 -5.38 1.14 30.00
N ALA A 529 -6.60 1.39 30.49
CA ALA A 529 -7.64 0.38 30.41
C ALA A 529 -8.01 0.07 28.95
N LEU A 530 -8.07 1.10 28.11
CA LEU A 530 -8.34 0.87 26.70
C LEU A 530 -7.24 0.04 26.06
N PHE A 531 -5.98 0.35 26.39
CA PHE A 531 -4.87 -0.43 25.85
C PHE A 531 -4.94 -1.88 26.30
N ALA A 532 -5.24 -2.11 27.58
CA ALA A 532 -5.37 -3.47 28.08
C ALA A 532 -6.51 -4.21 27.38
N TYR A 533 -7.63 -3.53 27.15
CA TYR A 533 -8.73 -4.14 26.43
C TYR A 533 -8.32 -4.51 25.01
N THR A 534 -7.61 -3.61 24.32
CA THR A 534 -7.11 -3.94 22.99
C THR A 534 -6.15 -5.11 23.03
N LYS A 535 -5.42 -5.29 24.13
CA LYS A 535 -4.59 -6.46 24.29
C LYS A 535 -5.40 -7.73 24.50
N ARG A 536 -6.71 -7.63 24.71
CA ARG A 536 -7.57 -8.77 24.92
C ARG A 536 -8.71 -8.90 23.90
N ASN A 537 -9.11 -7.81 23.25
CA ASN A 537 -10.19 -7.84 22.28
C ASN A 537 -9.81 -7.02 21.06
N VAL A 538 -10.50 -7.28 19.95
CA VAL A 538 -10.26 -6.61 18.68
C VAL A 538 -11.30 -5.51 18.50
N ILE A 539 -10.84 -4.31 18.18
CA ILE A 539 -11.74 -3.17 17.96
C ILE A 539 -11.64 -2.72 16.51
N PRO A 540 -12.60 -3.07 15.65
CA PRO A 540 -12.61 -2.52 14.30
C PRO A 540 -12.91 -1.02 14.32
N THR A 541 -12.35 -0.31 13.35
CA THR A 541 -12.49 1.14 13.27
C THR A 541 -12.70 1.55 11.82
N ILE A 542 -13.09 2.82 11.64
CA ILE A 542 -13.36 3.39 10.34
C ILE A 542 -12.35 4.50 10.08
N THR A 543 -11.78 4.51 8.87
CA THR A 543 -10.79 5.51 8.47
C THR A 543 -11.35 6.33 7.31
N GLN A 544 -11.20 7.64 7.40
CA GLN A 544 -11.76 8.56 6.42
C GLN A 544 -10.69 8.98 5.43
N MET A 545 -11.02 8.92 4.14
CA MET A 545 -10.12 9.36 3.08
C MET A 545 -10.41 10.81 2.72
N ASN A 546 -9.36 11.62 2.65
CA ASN A 546 -9.48 13.02 2.27
C ASN A 546 -8.48 13.31 1.15
N LEU A 547 -8.76 14.36 0.39
CA LEU A 547 -7.86 14.78 -0.68
C LEU A 547 -6.88 15.81 -0.15
N LYS A 548 -5.59 15.57 -0.36
CA LYS A 548 -4.56 16.45 0.15
C LYS A 548 -4.26 17.54 -0.87
N TYR A 549 -4.04 18.76 -0.37
CA TYR A 549 -3.83 19.94 -1.21
C TYR A 549 -2.33 20.23 -1.21
N ALA A 550 -1.64 19.71 -2.22
CA ALA A 550 -0.19 19.75 -2.27
C ALA A 550 0.28 20.25 -3.64
N ILE A 551 1.56 20.61 -3.71
CA ILE A 551 2.17 21.12 -4.93
C ILE A 551 2.90 19.94 -5.57
N SER A 552 2.17 19.21 -6.41
CA SER A 552 2.72 18.08 -7.14
C SER A 552 2.91 18.45 -8.61
N ALA A 553 3.77 17.69 -9.28
CA ALA A 553 4.06 17.87 -10.70
C ALA A 553 3.30 16.89 -11.58
N LYS A 554 2.35 16.16 -11.01
CA LYS A 554 1.56 15.18 -11.74
C LYS A 554 0.08 15.51 -11.58
N ASN A 555 -0.68 15.30 -12.66
CA ASN A 555 -2.11 15.61 -12.65
C ASN A 555 -2.89 14.73 -11.68
N ARG A 556 -2.33 13.60 -11.25
CA ARG A 556 -3.06 12.69 -10.39
C ARG A 556 -3.28 13.30 -9.01
N ALA A 557 -4.38 12.90 -8.39
CA ALA A 557 -4.72 13.35 -7.05
C ALA A 557 -4.05 12.48 -6.00
N ARG A 558 -3.90 13.05 -4.80
CA ARG A 558 -3.30 12.34 -3.67
C ARG A 558 -4.25 12.38 -2.49
N THR A 559 -4.36 11.26 -1.79
CA THR A 559 -5.28 11.11 -0.67
C THR A 559 -4.52 10.75 0.61
N VAL A 560 -5.09 11.20 1.73
CA VAL A 560 -4.58 10.89 3.05
C VAL A 560 -5.68 10.19 3.83
N ALA A 561 -5.33 9.11 4.53
CA ALA A 561 -6.26 8.36 5.35
C ALA A 561 -6.10 8.78 6.80
N GLY A 562 -7.19 9.23 7.40
CA GLY A 562 -7.22 9.54 8.82
C GLY A 562 -7.93 8.45 9.59
N VAL A 563 -7.20 7.78 10.48
CA VAL A 563 -7.73 6.66 11.25
C VAL A 563 -8.43 7.18 12.49
N SER A 564 -9.11 6.28 13.21
CA SER A 564 -9.85 6.68 14.40
C SER A 564 -8.89 7.02 15.54
N ILE A 565 -9.42 7.77 16.51
CA ILE A 565 -8.59 8.22 17.64
C ILE A 565 -8.09 7.02 18.44
N CYS A 566 -8.96 6.03 18.66
CA CYS A 566 -8.57 4.89 19.47
C CYS A 566 -7.40 4.14 18.84
N SER A 567 -7.44 3.95 17.51
CA SER A 567 -6.36 3.25 16.83
C SER A 567 -5.04 3.98 17.03
N THR A 568 -5.03 5.30 16.81
CA THR A 568 -3.79 6.06 17.00
C THR A 568 -3.31 5.98 18.43
N MET A 569 -4.21 6.14 19.40
CA MET A 569 -3.81 6.14 20.79
C MET A 569 -3.19 4.80 21.19
N THR A 570 -3.85 3.70 20.83
CA THR A 570 -3.35 2.39 21.21
C THR A 570 -2.05 2.05 20.48
N ASN A 571 -1.98 2.35 19.18
CA ASN A 571 -0.75 2.08 18.44
C ASN A 571 0.40 2.90 19.00
N ARG A 572 0.13 4.13 19.43
CA ARG A 572 1.18 4.93 20.07
C ARG A 572 1.64 4.27 21.35
N GLN A 573 0.70 3.94 22.25
CA GLN A 573 1.10 3.30 23.50
C GLN A 573 1.86 2.00 23.23
N PHE A 574 1.60 1.35 22.10
CA PHE A 574 2.25 0.08 21.80
C PHE A 574 3.66 0.26 21.24
N HIS A 575 3.86 1.25 20.36
CA HIS A 575 5.06 1.30 19.53
C HIS A 575 5.90 2.56 19.67
N GLN A 576 5.48 3.54 20.46
CA GLN A 576 6.17 4.83 20.45
C GLN A 576 7.60 4.71 20.95
N LYS A 577 7.85 3.84 21.92
CA LYS A 577 9.22 3.68 22.41
C LYS A 577 10.15 3.25 21.28
N LEU A 578 9.75 2.22 20.52
CA LEU A 578 10.58 1.77 19.41
C LEU A 578 10.69 2.84 18.32
N LEU A 579 9.58 3.52 18.02
CA LEU A 579 9.62 4.53 16.98
C LEU A 579 10.59 5.66 17.34
N LYS A 580 10.56 6.10 18.59
CA LYS A 580 11.49 7.14 19.03
C LYS A 580 12.92 6.62 19.08
N SER A 581 13.12 5.35 19.44
CA SER A 581 14.45 4.78 19.44
C SER A 581 15.05 4.78 18.04
N ILE A 582 14.24 4.41 17.04
CA ILE A 582 14.72 4.41 15.66
C ILE A 582 15.04 5.83 15.20
N ALA A 583 14.23 6.80 15.62
CA ALA A 583 14.43 8.18 15.20
C ALA A 583 15.62 8.84 15.90
N ALA A 584 16.15 8.23 16.96
CA ALA A 584 17.19 8.85 17.77
C ALA A 584 18.58 8.25 17.55
N THR A 585 18.76 7.45 16.49
CA THR A 585 20.03 6.82 16.21
C THR A 585 20.67 7.44 14.97
N ARG A 586 21.99 7.52 14.97
CA ARG A 586 22.77 7.99 13.83
C ARG A 586 23.74 6.90 13.40
N GLY A 587 23.87 6.72 12.09
CA GLY A 587 24.76 5.73 11.54
C GLY A 587 24.14 4.37 11.29
N ALA A 588 22.83 4.23 11.38
CA ALA A 588 22.14 2.98 11.14
C ALA A 588 21.62 2.95 9.71
N THR A 589 21.16 1.76 9.30
CA THR A 589 20.62 1.61 7.94
C THR A 589 19.41 2.50 7.74
N VAL A 590 18.51 2.55 8.73
CA VAL A 590 17.34 3.42 8.66
C VAL A 590 17.76 4.82 9.07
N VAL A 591 17.53 5.79 8.19
CA VAL A 591 18.01 7.16 8.40
C VAL A 591 16.85 8.09 8.73
N ILE A 592 15.82 7.56 9.38
CA ILE A 592 14.73 8.39 9.88
C ILE A 592 15.22 9.11 11.13
N GLY A 593 14.99 10.43 11.18
CA GLY A 593 15.43 11.24 12.29
C GLY A 593 16.77 11.89 12.10
N THR A 594 17.50 11.57 11.03
CA THR A 594 18.80 12.17 10.75
C THR A 594 18.59 13.33 9.76
N SER A 595 18.78 14.55 10.25
CA SER A 595 18.57 15.72 9.41
C SER A 595 19.65 15.83 8.35
N LYS A 596 19.30 16.50 7.25
CA LYS A 596 20.25 16.76 6.18
C LYS A 596 21.08 18.02 6.41
N PHE A 597 20.74 18.81 7.42
CA PHE A 597 21.47 20.04 7.73
C PHE A 597 22.65 19.74 8.65
N TYR A 598 23.51 20.76 8.80
CA TYR A 598 24.66 20.69 9.70
C TYR A 598 25.53 19.47 9.41
N GLY A 599 25.74 19.20 8.12
CA GLY A 599 26.61 18.12 7.72
C GLY A 599 26.01 16.74 7.82
N GLY A 600 24.72 16.62 8.14
CA GLY A 600 24.11 15.31 8.23
C GLY A 600 24.18 14.55 6.92
N TRP A 601 23.99 15.25 5.80
CA TRP A 601 24.08 14.60 4.50
C TRP A 601 25.44 13.96 4.29
N HIS A 602 26.51 14.72 4.57
CA HIS A 602 27.86 14.19 4.39
C HIS A 602 28.12 13.01 5.31
N ASN A 603 27.68 13.10 6.56
CA ASN A 603 27.88 11.99 7.49
C ASN A 603 27.16 10.75 7.02
N MET A 604 25.91 10.89 6.57
CA MET A 604 25.15 9.73 6.08
C MET A 604 25.85 9.11 4.87
N LEU A 605 26.24 9.94 3.90
CA LEU A 605 26.87 9.41 2.70
C LEU A 605 28.18 8.72 3.03
N LYS A 606 28.98 9.29 3.95
CA LYS A 606 30.20 8.62 4.37
C LYS A 606 29.89 7.30 5.05
N THR A 607 28.80 7.25 5.82
CA THR A 607 28.40 6.01 6.46
C THR A 607 28.08 4.93 5.42
N VAL A 608 27.40 5.31 4.35
CA VAL A 608 27.08 4.33 3.31
C VAL A 608 28.36 3.80 2.66
N TYR A 609 29.30 4.70 2.38
CA TYR A 609 30.55 4.29 1.72
C TYR A 609 31.49 3.50 2.64
N SER A 610 31.06 3.03 3.80
CA SER A 610 31.96 2.39 4.76
C SER A 610 32.45 1.06 4.20
N ASP A 611 33.69 1.05 3.74
CA ASP A 611 34.37 -0.18 3.34
C ASP A 611 33.61 -0.95 2.28
N VAL A 612 33.79 -0.57 1.01
CA VAL A 612 33.28 -1.31 -0.12
C VAL A 612 34.41 -1.45 -1.14
N GLU A 613 34.70 -2.68 -1.56
CA GLU A 613 35.87 -2.93 -2.40
C GLU A 613 35.78 -2.18 -3.72
N ASN A 614 34.62 -2.28 -4.39
CA ASN A 614 34.39 -1.61 -5.66
C ASN A 614 33.06 -0.87 -5.56
N PRO A 615 33.05 0.29 -4.90
CA PRO A 615 31.76 0.94 -4.59
C PRO A 615 31.08 1.48 -5.84
N HIS A 616 29.80 1.15 -5.97
CA HIS A 616 28.93 1.69 -7.02
C HIS A 616 27.57 1.94 -6.41
N LEU A 617 26.95 3.05 -6.78
CA LEU A 617 25.70 3.48 -6.15
C LEU A 617 24.50 3.09 -7.01
N MET A 618 23.37 2.88 -6.34
CA MET A 618 22.16 2.41 -7.00
C MET A 618 20.96 2.95 -6.24
N GLY A 619 19.87 3.19 -6.97
CA GLY A 619 18.66 3.68 -6.34
C GLY A 619 17.43 3.14 -7.05
N TRP A 620 16.30 3.26 -6.37
CA TRP A 620 15.04 2.75 -6.91
C TRP A 620 13.89 3.40 -6.16
N ASP A 621 12.68 3.17 -6.67
CA ASP A 621 11.45 3.55 -6.00
C ASP A 621 10.42 2.47 -6.23
N TYR A 622 9.44 2.39 -5.34
CA TYR A 622 8.46 1.32 -5.38
C TYR A 622 7.21 1.83 -6.11
N PRO A 623 6.89 1.34 -7.31
CA PRO A 623 5.66 1.78 -7.97
C PRO A 623 4.44 1.34 -7.19
N LYS A 624 3.53 2.28 -6.95
CA LYS A 624 2.28 2.00 -6.24
C LYS A 624 2.58 1.30 -4.91
N CYS A 625 3.56 1.83 -4.18
CA CYS A 625 4.05 1.14 -3.00
C CYS A 625 2.93 0.89 -1.99
N ASP A 626 2.19 1.94 -1.63
CA ASP A 626 1.15 1.79 -0.63
C ASP A 626 0.01 0.90 -1.13
N ARG A 627 -0.38 1.07 -2.39
CA ARG A 627 -1.53 0.32 -2.90
C ARG A 627 -1.19 -1.13 -3.18
N ALA A 628 -0.02 -1.41 -3.74
CA ALA A 628 0.33 -2.75 -4.17
C ALA A 628 1.08 -3.55 -3.11
N MET A 629 1.29 -3.00 -1.92
CA MET A 629 2.03 -3.72 -0.89
C MET A 629 1.26 -4.97 -0.48
N PRO A 630 1.85 -6.16 -0.57
CA PRO A 630 1.13 -7.36 -0.15
C PRO A 630 0.81 -7.33 1.34
N ASN A 631 -0.30 -7.98 1.69
CA ASN A 631 -0.69 -8.05 3.10
C ASN A 631 0.31 -8.83 3.93
N MET A 632 0.89 -9.88 3.35
CA MET A 632 1.83 -10.72 4.10
C MET A 632 3.05 -9.92 4.54
N LEU A 633 3.57 -9.07 3.66
CA LEU A 633 4.74 -8.27 4.03
C LEU A 633 4.40 -7.23 5.09
N ARG A 634 3.20 -6.67 5.04
CA ARG A 634 2.77 -5.75 6.10
C ARG A 634 2.68 -6.49 7.43
N ILE A 635 2.14 -7.71 7.42
CA ILE A 635 2.08 -8.51 8.64
C ILE A 635 3.48 -8.81 9.15
N MET A 636 4.40 -9.13 8.25
CA MET A 636 5.78 -9.39 8.65
C MET A 636 6.40 -8.16 9.29
N ALA A 637 6.16 -6.98 8.70
CA ALA A 637 6.69 -5.74 9.27
C ALA A 637 6.11 -5.49 10.65
N SER A 638 4.81 -5.71 10.82
CA SER A 638 4.20 -5.52 12.14
C SER A 638 4.81 -6.47 13.16
N LEU A 639 5.02 -7.73 12.76
CA LEU A 639 5.62 -8.70 13.67
C LEU A 639 7.05 -8.29 14.03
N VAL A 640 7.81 -7.79 13.05
CA VAL A 640 9.17 -7.36 13.31
C VAL A 640 9.19 -6.21 14.31
N LEU A 641 8.28 -5.24 14.12
CA LEU A 641 8.22 -4.11 15.03
C LEU A 641 7.69 -4.50 16.40
N ALA A 642 6.91 -5.58 16.50
CA ALA A 642 6.40 -6.04 17.78
C ALA A 642 7.33 -7.03 18.47
N ARG A 643 8.36 -7.52 17.79
CA ARG A 643 9.30 -8.44 18.42
C ARG A 643 9.97 -7.85 19.64
N LYS A 644 10.01 -6.52 19.75
CA LYS A 644 10.64 -5.87 20.91
C LYS A 644 9.89 -6.14 22.21
N HIS A 645 8.67 -6.66 22.14
CA HIS A 645 7.85 -6.90 23.33
C HIS A 645 8.06 -8.29 23.90
N THR A 646 9.30 -8.78 23.93
CA THR A 646 9.56 -10.13 24.41
C THR A 646 9.17 -10.28 25.88
N THR A 647 9.55 -9.30 26.71
CA THR A 647 9.30 -9.37 28.14
C THR A 647 7.99 -8.71 28.54
N CYS A 648 7.57 -7.65 27.84
CA CYS A 648 6.41 -6.88 28.27
C CYS A 648 5.09 -7.58 27.96
N CYS A 649 4.99 -8.23 26.81
CA CYS A 649 3.72 -8.75 26.31
C CYS A 649 3.80 -10.26 26.10
N SER A 650 2.71 -10.94 26.44
CA SER A 650 2.62 -12.38 26.23
C SER A 650 2.22 -12.69 24.80
N LEU A 651 2.19 -13.99 24.49
CA LEU A 651 1.86 -14.41 23.13
C LEU A 651 0.44 -13.99 22.75
N SER A 652 -0.52 -14.21 23.67
CA SER A 652 -1.90 -13.85 23.37
C SER A 652 -2.05 -12.35 23.19
N HIS A 653 -1.41 -11.56 24.07
CA HIS A 653 -1.50 -10.11 23.96
C HIS A 653 -0.94 -9.62 22.63
N ARG A 654 0.21 -10.16 22.22
CA ARG A 654 0.82 -9.72 20.97
C ARG A 654 -0.01 -10.17 19.77
N PHE A 655 -0.59 -11.36 19.83
CA PHE A 655 -1.46 -11.81 18.75
C PHE A 655 -2.67 -10.90 18.62
N TYR A 656 -3.28 -10.52 19.75
CA TYR A 656 -4.45 -9.64 19.67
C TYR A 656 -4.07 -8.24 19.22
N ARG A 657 -2.87 -7.77 19.60
CA ARG A 657 -2.40 -6.49 19.06
C ARG A 657 -2.22 -6.57 17.55
N LEU A 658 -1.68 -7.68 17.05
CA LEU A 658 -1.55 -7.86 15.61
C LEU A 658 -2.93 -7.89 14.95
N ALA A 659 -3.90 -8.56 15.57
CA ALA A 659 -5.25 -8.59 15.03
C ALA A 659 -5.85 -7.19 14.98
N ASN A 660 -5.65 -6.40 16.03
CA ASN A 660 -6.13 -5.02 16.03
C ASN A 660 -5.47 -4.21 14.93
N GLU A 661 -4.16 -4.38 14.74
CA GLU A 661 -3.47 -3.69 13.68
C GLU A 661 -4.02 -4.07 12.31
N CYS A 662 -4.28 -5.35 12.10
CA CYS A 662 -4.83 -5.81 10.83
C CYS A 662 -6.22 -5.24 10.59
N ALA A 663 -7.06 -5.20 11.63
CA ALA A 663 -8.41 -4.71 11.50
C ALA A 663 -8.50 -3.19 11.46
N GLN A 664 -7.43 -2.48 11.80
CA GLN A 664 -7.44 -1.03 11.82
C GLN A 664 -6.54 -0.42 10.75
N VAL A 665 -5.84 -1.23 9.97
CA VAL A 665 -4.92 -0.71 8.96
C VAL A 665 -4.93 -1.60 7.73
N LEU A 666 -4.69 -2.90 7.94
CA LEU A 666 -4.56 -3.82 6.80
C LEU A 666 -5.88 -3.95 6.05
N SER A 667 -6.97 -4.24 6.77
CA SER A 667 -8.29 -4.45 6.16
C SER A 667 -9.33 -3.86 7.10
N GLU A 668 -9.71 -2.61 6.84
CA GLU A 668 -10.67 -1.88 7.66
C GLU A 668 -11.80 -1.34 6.79
N MET A 669 -12.77 -0.71 7.43
CA MET A 669 -13.86 -0.03 6.75
C MET A 669 -13.43 1.40 6.43
N VAL A 670 -13.56 1.79 5.15
CA VAL A 670 -13.07 3.07 4.67
C VAL A 670 -14.26 3.88 4.18
N MET A 671 -14.38 5.11 4.66
CA MET A 671 -15.47 6.01 4.27
C MET A 671 -15.00 6.93 3.17
N CYS A 672 -15.70 6.89 2.03
CA CYS A 672 -15.50 7.83 0.93
C CYS A 672 -16.83 8.44 0.57
N GLY A 673 -16.91 9.77 0.64
CA GLY A 673 -18.14 10.45 0.30
C GLY A 673 -19.34 10.00 1.11
N GLY A 674 -19.13 9.62 2.36
CA GLY A 674 -20.21 9.14 3.19
C GLY A 674 -20.63 7.71 2.94
N SER A 675 -19.87 6.96 2.15
CA SER A 675 -20.20 5.57 1.84
C SER A 675 -19.07 4.66 2.33
N LEU A 676 -19.45 3.54 2.93
CA LEU A 676 -18.49 2.61 3.50
C LEU A 676 -18.07 1.57 2.47
N TYR A 677 -16.78 1.27 2.42
CA TYR A 677 -16.23 0.26 1.54
C TYR A 677 -15.23 -0.59 2.32
N VAL A 678 -14.93 -1.76 1.77
CA VAL A 678 -13.99 -2.69 2.36
C VAL A 678 -12.66 -2.56 1.64
N LYS A 679 -11.61 -2.24 2.38
CA LYS A 679 -10.30 -2.09 1.78
C LYS A 679 -9.71 -3.46 1.43
N PRO A 680 -9.31 -3.70 0.18
CA PRO A 680 -8.77 -5.02 -0.15
C PRO A 680 -7.53 -5.39 0.64
N GLY A 681 -6.70 -4.41 0.99
CA GLY A 681 -5.48 -4.67 1.72
C GLY A 681 -4.55 -3.49 1.66
N GLY A 682 -3.27 -3.77 1.87
CA GLY A 682 -2.25 -2.74 1.81
C GLY A 682 -2.03 -2.06 3.14
N THR A 683 -1.35 -0.92 3.08
CA THR A 683 -1.00 -0.12 4.25
C THR A 683 -1.68 1.22 4.15
N SER A 684 -2.35 1.63 5.23
CA SER A 684 -3.00 2.93 5.28
C SER A 684 -1.98 4.04 5.48
N SER A 685 -2.31 5.23 4.99
CA SER A 685 -1.40 6.36 5.07
C SER A 685 -1.40 7.03 6.44
N GLY A 686 -2.40 6.77 7.28
CA GLY A 686 -2.49 7.36 8.60
C GLY A 686 -1.99 6.49 9.73
N ASP A 687 -1.33 5.37 9.43
CA ASP A 687 -0.86 4.48 10.47
C ASP A 687 0.28 5.12 11.26
N ALA A 688 0.37 4.76 12.54
CA ALA A 688 1.45 5.28 13.37
C ALA A 688 2.81 4.85 12.85
N THR A 689 2.92 3.61 12.39
CA THR A 689 4.17 3.04 11.90
C THR A 689 4.22 3.01 10.37
N THR A 690 3.62 3.99 9.70
CA THR A 690 3.58 3.98 8.24
C THR A 690 4.98 4.05 7.65
N ALA A 691 5.84 4.92 8.19
CA ALA A 691 7.18 5.06 7.65
C ALA A 691 8.08 3.89 8.04
N TYR A 692 8.00 3.45 9.30
CA TYR A 692 8.90 2.39 9.77
C TYR A 692 8.50 1.04 9.18
N ALA A 693 7.20 0.79 9.04
CA ALA A 693 6.77 -0.41 8.35
C ALA A 693 7.24 -0.42 6.90
N ASN A 694 7.18 0.75 6.24
CA ASN A 694 7.69 0.85 4.88
C ASN A 694 9.19 0.57 4.83
N SER A 695 9.94 1.08 5.82
CA SER A 695 11.37 0.80 5.87
C SER A 695 11.64 -0.69 6.02
N VAL A 696 10.86 -1.35 6.90
CA VAL A 696 11.02 -2.79 7.07
C VAL A 696 10.72 -3.52 5.77
N PHE A 697 9.67 -3.10 5.07
CA PHE A 697 9.32 -3.71 3.79
C PHE A 697 10.45 -3.52 2.78
N ASN A 698 11.04 -2.32 2.73
CA ASN A 698 12.15 -2.08 1.82
C ASN A 698 13.33 -2.99 2.13
N ILE A 699 13.68 -3.12 3.41
CA ILE A 699 14.83 -3.94 3.78
C ILE A 699 14.53 -5.40 3.46
N CYS A 700 13.30 -5.85 3.70
CA CYS A 700 12.91 -7.22 3.36
C CYS A 700 13.04 -7.46 1.87
N GLN A 701 12.58 -6.52 1.05
CA GLN A 701 12.70 -6.67 -0.41
C GLN A 701 14.16 -6.73 -0.83
N ALA A 702 15.00 -5.88 -0.23
CA ALA A 702 16.42 -5.89 -0.59
C ALA A 702 17.07 -7.22 -0.23
N VAL A 703 16.76 -7.75 0.96
CA VAL A 703 17.32 -9.03 1.37
C VAL A 703 16.83 -10.15 0.46
N THR A 704 15.56 -10.11 0.09
CA THR A 704 15.02 -11.12 -0.82
C THR A 704 15.71 -11.05 -2.17
N ALA A 705 15.95 -9.85 -2.68
CA ALA A 705 16.66 -9.70 -3.95
C ALA A 705 18.07 -10.26 -3.84
N ASN A 706 18.77 -9.98 -2.75
CA ASN A 706 20.10 -10.52 -2.57
C ASN A 706 20.07 -12.05 -2.54
N VAL A 707 19.12 -12.63 -1.81
CA VAL A 707 19.02 -14.08 -1.72
C VAL A 707 18.77 -14.68 -3.09
N ASN A 708 17.83 -14.10 -3.85
CA ASN A 708 17.55 -14.62 -5.18
C ASN A 708 18.76 -14.50 -6.10
N ALA A 709 19.48 -13.37 -6.02
CA ALA A 709 20.66 -13.19 -6.85
C ALA A 709 21.72 -14.24 -6.53
N LEU A 710 21.96 -14.49 -5.25
CA LEU A 710 22.99 -15.47 -4.89
C LEU A 710 22.60 -16.88 -5.33
N LEU A 711 21.34 -17.27 -5.12
CA LEU A 711 20.92 -18.62 -5.47
C LEU A 711 20.85 -18.81 -6.99
N SER A 712 20.47 -17.77 -7.72
CA SER A 712 20.38 -17.86 -9.18
C SER A 712 21.75 -18.02 -9.83
N THR A 713 22.83 -17.80 -9.10
CA THR A 713 24.16 -17.95 -9.68
C THR A 713 24.46 -19.43 -9.94
N ASP A 714 25.38 -19.66 -10.87
CA ASP A 714 25.71 -21.03 -11.26
C ASP A 714 26.27 -21.82 -10.09
N GLY A 715 27.13 -21.21 -9.29
CA GLY A 715 27.81 -21.91 -8.22
C GLY A 715 29.10 -22.57 -8.66
N ASN A 716 29.04 -23.36 -9.72
CA ASN A 716 30.26 -23.94 -10.28
C ASN A 716 31.18 -22.86 -10.83
N LYS A 717 30.61 -21.84 -11.49
CA LYS A 717 31.42 -20.79 -12.06
C LYS A 717 32.09 -19.94 -10.99
N ILE A 718 31.47 -19.80 -9.82
CA ILE A 718 32.05 -18.99 -8.76
C ILE A 718 33.41 -19.56 -8.39
N ALA A 719 34.45 -18.73 -8.47
CA ALA A 719 35.80 -19.15 -8.17
C ALA A 719 36.21 -18.88 -6.73
N ASP A 720 35.30 -18.41 -5.89
CA ASP A 720 35.57 -18.11 -4.49
C ASP A 720 34.95 -19.21 -3.63
N LYS A 721 35.78 -19.87 -2.82
CA LYS A 721 35.28 -20.93 -1.95
C LYS A 721 34.32 -20.37 -0.89
N TYR A 722 34.65 -19.20 -0.34
CA TYR A 722 33.82 -18.63 0.72
C TYR A 722 32.40 -18.37 0.23
N VAL A 723 32.27 -17.75 -0.94
CA VAL A 723 30.94 -17.43 -1.46
C VAL A 723 30.17 -18.69 -1.81
N ARG A 724 30.86 -19.69 -2.38
CA ARG A 724 30.19 -20.94 -2.71
C ARG A 724 29.67 -21.63 -1.46
N ASN A 725 30.48 -21.67 -0.40
CA ASN A 725 30.02 -22.27 0.85
C ASN A 725 28.88 -21.47 1.45
N LEU A 726 28.94 -20.14 1.35
CA LEU A 726 27.85 -19.31 1.86
C LEU A 726 26.55 -19.60 1.11
N GLN A 727 26.63 -19.76 -0.21
CA GLN A 727 25.44 -20.12 -0.98
C GLN A 727 24.92 -21.49 -0.58
N HIS A 728 25.80 -22.46 -0.38
CA HIS A 728 25.37 -23.80 0.02
C HIS A 728 24.65 -23.74 1.37
N ARG A 729 25.22 -23.01 2.33
CA ARG A 729 24.58 -22.88 3.62
C ARG A 729 23.29 -22.08 3.56
N LEU A 730 23.20 -21.12 2.63
CA LEU A 730 21.95 -20.41 2.43
C LEU A 730 20.85 -21.36 1.98
N TYR A 731 21.17 -22.23 1.02
CA TYR A 731 20.18 -23.23 0.60
C TYR A 731 19.83 -24.15 1.75
N GLU A 732 20.84 -24.55 2.54
CA GLU A 732 20.60 -25.37 3.73
C GLU A 732 19.57 -24.73 4.65
N CYS A 733 19.81 -23.46 5.01
CA CYS A 733 18.93 -22.80 5.97
C CYS A 733 17.59 -22.42 5.36
N LEU A 734 17.49 -22.37 4.03
CA LEU A 734 16.23 -22.01 3.38
C LEU A 734 15.32 -23.23 3.20
N TYR A 735 15.80 -24.23 2.45
CA TYR A 735 14.94 -25.33 1.99
C TYR A 735 15.35 -26.66 2.58
N ARG A 736 16.09 -26.66 3.70
CA ARG A 736 16.49 -27.92 4.34
C ARG A 736 16.51 -27.87 5.86
N ASN A 737 16.60 -26.70 6.49
CA ASN A 737 16.64 -26.58 7.94
C ASN A 737 15.44 -25.76 8.40
N ARG A 738 14.70 -26.31 9.37
CA ARG A 738 13.53 -25.60 9.89
C ARG A 738 13.92 -24.59 10.96
N ASP A 739 14.71 -25.02 11.94
CA ASP A 739 15.12 -24.12 13.01
C ASP A 739 16.06 -23.04 12.49
N VAL A 740 15.94 -21.85 13.08
CA VAL A 740 16.78 -20.72 12.66
C VAL A 740 18.22 -20.97 13.07
N ASP A 741 19.13 -20.75 12.14
CA ASP A 741 20.57 -20.88 12.40
C ASP A 741 21.11 -19.48 12.66
N THR A 742 21.35 -19.16 13.93
CA THR A 742 21.78 -17.83 14.30
C THR A 742 23.13 -17.49 13.71
N ASP A 743 24.06 -18.46 13.72
CA ASP A 743 25.41 -18.19 13.23
C ASP A 743 25.39 -17.81 11.75
N PHE A 744 24.67 -18.58 10.93
CA PHE A 744 24.61 -18.26 9.52
C PHE A 744 23.83 -16.97 9.26
N VAL A 745 22.82 -16.68 10.08
CA VAL A 745 22.10 -15.41 9.94
C VAL A 745 23.06 -14.25 10.18
N ASN A 746 23.89 -14.35 11.22
CA ASN A 746 24.88 -13.32 11.49
C ASN A 746 25.87 -13.19 10.35
N GLU A 747 26.34 -14.33 9.83
CA GLU A 747 27.30 -14.30 8.74
C GLU A 747 26.71 -13.63 7.50
N PHE A 748 25.46 -13.96 7.17
CA PHE A 748 24.83 -13.37 6.00
C PHE A 748 24.58 -11.89 6.20
N TYR A 749 24.19 -11.48 7.41
CA TYR A 749 24.03 -10.05 7.69
C TYR A 749 25.34 -9.32 7.53
N ALA A 750 26.44 -9.90 8.03
CA ALA A 750 27.74 -9.27 7.85
C ALA A 750 28.12 -9.18 6.38
N TYR A 751 27.83 -10.24 5.62
CA TYR A 751 28.12 -10.23 4.19
C TYR A 751 27.37 -9.10 3.48
N LEU A 752 26.07 -8.96 3.79
CA LEU A 752 25.28 -7.90 3.18
C LEU A 752 25.81 -6.53 3.57
N ARG A 753 26.16 -6.34 4.85
CA ARG A 753 26.65 -5.05 5.28
C ARG A 753 27.97 -4.72 4.60
N LYS A 754 28.84 -5.71 4.42
CA LYS A 754 30.13 -5.47 3.78
C LYS A 754 29.96 -5.15 2.30
N HIS A 755 29.08 -5.88 1.61
CA HIS A 755 28.94 -5.76 0.16
C HIS A 755 27.60 -5.17 -0.26
N PHE A 756 26.90 -4.50 0.66
CA PHE A 756 25.58 -3.96 0.34
C PHE A 756 25.14 -2.94 1.38
N SER A 757 25.81 -1.79 1.43
CA SER A 757 25.43 -0.74 2.37
C SER A 757 24.15 -0.08 1.88
N MET A 758 23.25 0.22 2.82
CA MET A 758 21.92 0.69 2.48
C MET A 758 21.52 1.90 3.32
N MET A 759 20.97 2.91 2.65
CA MET A 759 20.15 3.95 3.27
C MET A 759 18.71 3.66 2.90
N ILE A 760 17.84 3.55 3.91
CA ILE A 760 16.44 3.20 3.72
C ILE A 760 15.59 4.21 4.47
N LEU A 761 14.72 4.91 3.75
CA LEU A 761 13.73 5.79 4.37
C LEU A 761 12.38 5.50 3.75
N SER A 762 11.46 4.95 4.55
CA SER A 762 10.16 4.54 4.05
C SER A 762 10.32 3.61 2.86
N ASP A 763 10.19 4.15 1.65
CA ASP A 763 10.37 3.39 0.43
C ASP A 763 11.59 3.81 -0.38
N ASP A 764 12.03 5.05 -0.24
CA ASP A 764 13.24 5.49 -0.92
C ASP A 764 14.45 4.77 -0.35
N ALA A 765 15.40 4.45 -1.23
CA ALA A 765 16.57 3.70 -0.83
C ALA A 765 17.77 4.09 -1.70
N VAL A 766 18.95 3.98 -1.11
CA VAL A 766 20.21 4.24 -1.80
C VAL A 766 21.21 3.18 -1.36
N VAL A 767 21.77 2.44 -2.32
CA VAL A 767 22.61 1.29 -2.03
C VAL A 767 24.01 1.53 -2.59
N CYS A 768 25.02 1.20 -1.81
CA CYS A 768 26.40 1.11 -2.27
C CYS A 768 26.80 -0.36 -2.29
N PHE A 769 27.20 -0.85 -3.45
CA PHE A 769 27.46 -2.27 -3.63
C PHE A 769 28.76 -2.47 -4.40
N ASN A 770 29.31 -3.68 -4.29
CA ASN A 770 30.53 -4.05 -4.99
C ASN A 770 30.20 -4.39 -6.44
N SER A 771 30.85 -3.70 -7.37
CA SER A 771 30.55 -3.90 -8.79
C SER A 771 30.89 -5.32 -9.24
N THR A 772 32.05 -5.83 -8.82
CA THR A 772 32.48 -7.14 -9.28
C THR A 772 31.51 -8.23 -8.83
N TYR A 773 31.09 -8.17 -7.56
CA TYR A 773 30.17 -9.18 -7.04
C TYR A 773 28.84 -9.13 -7.78
N ALA A 774 28.31 -7.93 -8.02
CA ALA A 774 27.06 -7.81 -8.76
C ALA A 774 27.21 -8.35 -10.18
N SER A 775 28.34 -8.06 -10.82
CA SER A 775 28.57 -8.56 -12.18
C SER A 775 28.62 -10.08 -12.18
N GLN A 776 29.24 -10.69 -11.17
CA GLN A 776 29.28 -12.14 -11.06
C GLN A 776 28.00 -12.73 -10.49
N GLY A 777 27.03 -11.90 -10.13
CA GLY A 777 25.78 -12.39 -9.57
C GLY A 777 25.82 -12.70 -8.09
N LEU A 778 26.93 -12.40 -7.41
CA LEU A 778 27.01 -12.65 -5.98
C LEU A 778 26.14 -11.70 -5.17
N VAL A 779 25.81 -10.53 -5.72
CA VAL A 779 25.00 -9.53 -5.03
C VAL A 779 23.90 -9.06 -5.97
N ALA A 780 22.82 -8.57 -5.37
CA ALA A 780 21.64 -8.18 -6.14
C ALA A 780 21.93 -6.97 -7.02
N SER A 781 21.24 -6.91 -8.15
CA SER A 781 21.30 -5.80 -9.09
C SER A 781 19.88 -5.29 -9.34
N ILE A 782 19.74 -4.37 -10.29
CA ILE A 782 18.43 -3.81 -10.59
C ILE A 782 17.49 -4.87 -11.13
N LYS A 783 18.02 -5.80 -11.94
CA LYS A 783 17.18 -6.85 -12.50
C LYS A 783 16.62 -7.75 -11.39
N ASN A 784 17.42 -8.03 -10.37
CA ASN A 784 16.94 -8.84 -9.25
C ASN A 784 15.79 -8.15 -8.54
N PHE A 785 15.91 -6.84 -8.31
CA PHE A 785 14.81 -6.11 -7.68
C PHE A 785 13.58 -6.10 -8.57
N LYS A 786 13.77 -5.96 -9.88
CA LYS A 786 12.63 -6.03 -10.81
C LYS A 786 11.91 -7.35 -10.68
N SER A 787 12.67 -8.46 -10.70
CA SER A 787 12.05 -9.77 -10.57
C SER A 787 11.34 -9.93 -9.23
N VAL A 788 11.98 -9.47 -8.15
CA VAL A 788 11.37 -9.57 -6.83
C VAL A 788 10.03 -8.85 -6.80
N LEU A 789 10.01 -7.60 -7.27
CA LEU A 789 8.77 -6.84 -7.28
C LEU A 789 7.74 -7.49 -8.20
N TYR A 790 8.20 -8.17 -9.25
CA TYR A 790 7.27 -8.83 -10.16
C TYR A 790 6.55 -9.98 -9.46
N TYR A 791 7.30 -10.88 -8.81
CA TYR A 791 6.68 -12.07 -8.25
C TYR A 791 6.25 -11.91 -6.80
N GLN A 792 6.54 -10.77 -6.17
CA GLN A 792 6.09 -10.51 -4.80
C GLN A 792 5.19 -9.29 -4.72
N ASN A 793 5.69 -8.11 -5.10
CA ASN A 793 4.89 -6.89 -5.01
C ASN A 793 3.81 -6.81 -6.10
N ASN A 794 3.86 -7.69 -7.10
CA ASN A 794 2.86 -7.72 -8.17
C ASN A 794 2.78 -6.37 -8.89
N VAL A 795 3.94 -5.73 -9.05
CA VAL A 795 4.05 -4.50 -9.84
C VAL A 795 5.31 -4.57 -10.66
N PHE A 796 5.23 -4.12 -11.91
CA PHE A 796 6.40 -4.10 -12.78
C PHE A 796 7.21 -2.83 -12.51
N MET A 797 8.52 -3.01 -12.32
CA MET A 797 9.43 -1.92 -12.02
C MET A 797 10.17 -1.52 -13.29
N SER A 798 10.05 -0.25 -13.67
CA SER A 798 10.69 0.26 -14.88
C SER A 798 12.09 0.75 -14.58
N GLU A 799 13.02 0.46 -15.49
CA GLU A 799 14.40 0.88 -15.32
C GLU A 799 14.58 2.38 -15.51
N ALA A 800 13.62 3.04 -16.14
CA ALA A 800 13.77 4.48 -16.39
C ALA A 800 13.82 5.26 -15.08
N LYS A 801 12.99 4.88 -14.11
CA LYS A 801 12.93 5.59 -12.84
C LYS A 801 14.08 5.22 -11.90
N CYS A 802 14.81 4.15 -12.18
CA CYS A 802 15.95 3.75 -11.36
C CYS A 802 17.23 4.33 -11.93
N TRP A 803 18.19 4.56 -11.05
CA TRP A 803 19.47 5.18 -11.42
C TRP A 803 20.62 4.38 -10.83
N THR A 804 21.73 4.35 -11.56
CA THR A 804 22.97 3.73 -11.12
C THR A 804 24.12 4.69 -11.37
N GLU A 805 24.94 4.91 -10.36
CA GLU A 805 26.06 5.85 -10.42
C GLU A 805 27.36 5.07 -10.32
N THR A 806 28.24 5.28 -11.30
CA THR A 806 29.53 4.60 -11.31
C THR A 806 30.58 5.32 -10.48
N ASP A 807 30.49 6.65 -10.40
CA ASP A 807 31.48 7.45 -9.68
C ASP A 807 30.89 7.91 -8.34
N LEU A 808 31.60 7.61 -7.26
CA LEU A 808 31.15 8.04 -5.94
C LEU A 808 31.27 9.54 -5.73
N THR A 809 32.15 10.20 -6.51
CA THR A 809 32.31 11.64 -6.35
C THR A 809 31.02 12.38 -6.65
N LYS A 810 30.32 11.97 -7.72
CA LYS A 810 29.05 12.63 -8.06
C LYS A 810 28.02 12.46 -6.96
N GLY A 811 27.94 11.27 -6.38
CA GLY A 811 26.99 10.99 -5.33
C GLY A 811 25.68 10.47 -5.87
N PRO A 812 24.72 10.21 -4.99
CA PRO A 812 23.43 9.69 -5.43
C PRO A 812 22.75 10.64 -6.41
N HIS A 813 22.10 10.05 -7.43
CA HIS A 813 21.36 10.87 -8.39
C HIS A 813 20.18 11.57 -7.72
N GLU A 814 19.48 10.88 -6.83
CA GLU A 814 18.33 11.47 -6.16
C GLU A 814 18.00 10.65 -4.92
N PHE A 815 17.79 11.33 -3.80
CA PHE A 815 17.33 10.70 -2.57
C PHE A 815 16.51 11.73 -1.80
N CYS A 816 15.32 11.32 -1.37
CA CYS A 816 14.38 12.24 -0.72
C CYS A 816 14.06 13.41 -1.63
N SER A 817 14.02 13.16 -2.94
CA SER A 817 13.76 14.17 -3.96
C SER A 817 14.84 15.25 -3.98
N GLN A 818 16.03 14.95 -3.46
CA GLN A 818 17.13 15.89 -3.42
C GLN A 818 18.34 15.27 -4.11
N HIS A 819 19.12 16.11 -4.79
CA HIS A 819 20.34 15.68 -5.46
C HIS A 819 21.55 16.01 -4.60
N THR A 820 22.63 15.28 -4.82
CA THR A 820 23.86 15.42 -4.03
C THR A 820 24.95 16.05 -4.87
N MET A 821 25.69 16.98 -4.26
CA MET A 821 26.77 17.67 -4.95
C MET A 821 27.95 17.86 -4.02
N LEU A 822 29.15 17.69 -4.55
CA LEU A 822 30.38 17.84 -3.77
C LEU A 822 30.90 19.26 -3.94
N VAL A 823 30.96 20.00 -2.83
CA VAL A 823 31.46 21.38 -2.84
C VAL A 823 32.68 21.46 -1.92
N LYS A 824 33.27 22.65 -1.84
CA LYS A 824 34.48 22.89 -1.06
C LYS A 824 34.14 23.84 0.08
N GLN A 825 34.35 23.39 1.30
CA GLN A 825 34.04 24.18 2.49
C GLN A 825 35.18 24.02 3.49
N GLY A 826 35.90 25.11 3.75
CA GLY A 826 36.95 25.09 4.76
C GLY A 826 38.03 24.07 4.49
N ASP A 827 38.52 24.01 3.24
CA ASP A 827 39.57 23.09 2.82
C ASP A 827 39.14 21.64 2.85
N ASP A 828 37.86 21.36 3.06
CA ASP A 828 37.33 20.00 3.08
C ASP A 828 36.24 19.87 2.03
N TYR A 829 36.35 18.84 1.20
CA TYR A 829 35.33 18.53 0.20
C TYR A 829 34.16 17.84 0.89
N VAL A 830 32.96 18.38 0.73
CA VAL A 830 31.79 17.95 1.50
C VAL A 830 30.60 17.77 0.56
N TYR A 831 29.78 16.76 0.86
CA TYR A 831 28.55 16.51 0.12
C TYR A 831 27.42 17.37 0.70
N LEU A 832 26.69 18.08 -0.16
CA LEU A 832 25.50 18.81 0.25
C LEU A 832 24.32 18.44 -0.64
N PRO A 833 23.08 18.58 -0.12
CA PRO A 833 21.90 18.31 -0.95
C PRO A 833 21.29 19.57 -1.52
N TYR A 834 21.01 19.57 -2.83
CA TYR A 834 20.31 20.66 -3.47
C TYR A 834 19.03 20.14 -4.12
N PRO A 835 17.95 20.91 -4.09
CA PRO A 835 16.69 20.47 -4.68
C PRO A 835 16.57 20.91 -6.14
N ASP A 836 15.49 20.45 -6.77
CA ASP A 836 15.17 20.90 -8.12
C ASP A 836 14.71 22.36 -8.06
N PRO A 837 15.33 23.28 -8.80
CA PRO A 837 14.90 24.68 -8.71
C PRO A 837 13.44 24.87 -9.07
N SER A 838 12.88 24.03 -9.93
CA SER A 838 11.48 24.18 -10.32
C SER A 838 10.57 24.04 -9.11
N ARG A 839 10.86 23.08 -8.22
CA ARG A 839 10.02 22.89 -7.05
C ARG A 839 10.03 24.12 -6.15
N ILE A 840 11.22 24.67 -5.91
CA ILE A 840 11.33 25.84 -5.04
C ILE A 840 10.62 27.03 -5.66
N LEU A 841 10.80 27.25 -6.97
CA LEU A 841 10.15 28.37 -7.63
C LEU A 841 8.63 28.20 -7.62
N GLY A 842 8.15 26.98 -7.81
CA GLY A 842 6.72 26.74 -7.73
C GLY A 842 6.17 27.01 -6.35
N ALA A 843 6.91 26.60 -5.31
CA ALA A 843 6.49 26.91 -3.95
C ALA A 843 6.42 28.41 -3.74
N GLY A 844 7.40 29.14 -4.26
CA GLY A 844 7.41 30.58 -4.09
C GLY A 844 6.26 31.27 -4.82
N CYS A 845 5.97 30.84 -6.05
CA CYS A 845 4.96 31.52 -6.86
C CYS A 845 3.55 31.14 -6.44
N PHE A 846 3.33 29.87 -6.08
CA PHE A 846 2.00 29.34 -5.83
C PHE A 846 1.86 28.97 -4.36
N VAL A 847 0.78 29.45 -3.74
CA VAL A 847 0.49 29.20 -2.33
C VAL A 847 -0.91 28.65 -2.22
N ASP A 848 -1.14 27.80 -1.22
CA ASP A 848 -2.43 27.16 -1.06
C ASP A 848 -3.49 28.15 -0.60
N ASP A 849 -3.17 28.96 0.41
CA ASP A 849 -4.10 29.95 0.95
C ASP A 849 -3.80 31.32 0.38
N ILE A 850 -4.78 32.21 0.48
CA ILE A 850 -4.63 33.55 -0.07
C ILE A 850 -3.85 34.48 0.85
N VAL A 851 -3.80 34.19 2.15
CA VAL A 851 -3.00 35.01 3.06
C VAL A 851 -1.52 34.89 2.69
N LYS A 852 -1.08 33.70 2.29
CA LYS A 852 0.32 33.50 1.93
C LYS A 852 0.71 34.27 0.68
N THR A 853 -0.26 34.67 -0.14
CA THR A 853 0.06 35.47 -1.31
C THR A 853 0.66 36.81 -0.90
N ASP A 854 0.12 37.44 0.15
CA ASP A 854 0.67 38.68 0.66
C ASP A 854 2.08 38.45 1.20
N GLY A 855 3.09 39.01 0.52
CA GLY A 855 4.45 38.80 0.94
C GLY A 855 4.78 39.39 2.30
N THR A 856 4.17 40.53 2.63
CA THR A 856 4.50 41.20 3.87
C THR A 856 4.22 40.31 5.08
N LEU A 857 3.06 39.65 5.09
CA LEU A 857 2.71 38.80 6.22
C LEU A 857 3.68 37.63 6.36
N MET A 858 4.02 36.98 5.25
CA MET A 858 4.88 35.79 5.24
C MET A 858 6.25 36.16 4.71
N ILE A 859 7.20 36.36 5.61
CA ILE A 859 8.61 36.50 5.27
C ILE A 859 9.43 35.31 5.71
N GLU A 860 8.81 34.31 6.34
CA GLU A 860 9.49 33.10 6.78
C GLU A 860 9.37 31.96 5.78
N ARG A 861 8.32 31.95 4.97
CA ARG A 861 8.21 30.96 3.90
C ARG A 861 9.42 31.07 2.97
N PHE A 862 9.74 32.29 2.54
CA PHE A 862 10.87 32.48 1.65
C PHE A 862 12.19 32.24 2.36
N VAL A 863 12.25 32.50 3.67
CA VAL A 863 13.45 32.18 4.43
C VAL A 863 13.70 30.68 4.42
N SER A 864 12.66 29.89 4.68
CA SER A 864 12.82 28.44 4.65
C SER A 864 13.17 27.95 3.26
N LEU A 865 12.54 28.52 2.23
CA LEU A 865 12.85 28.11 0.86
C LEU A 865 14.29 28.45 0.51
N ALA A 866 14.81 29.58 1.01
CA ALA A 866 16.21 29.92 0.78
C ALA A 866 17.14 29.01 1.57
N ILE A 867 16.77 28.65 2.79
CA ILE A 867 17.57 27.68 3.55
C ILE A 867 17.65 26.37 2.78
N ASP A 868 16.60 26.03 2.03
CA ASP A 868 16.61 24.80 1.25
C ASP A 868 17.37 24.96 -0.07
N ALA A 869 17.30 26.13 -0.70
CA ALA A 869 17.90 26.35 -2.00
C ALA A 869 19.33 26.90 -1.96
N TYR A 870 19.86 27.20 -0.77
CA TYR A 870 21.21 27.75 -0.70
C TYR A 870 22.24 26.86 -1.40
N PRO A 871 22.21 25.53 -1.26
CA PRO A 871 23.24 24.72 -1.92
C PRO A 871 23.29 24.91 -3.43
N LEU A 872 22.22 25.39 -4.04
CA LEU A 872 22.25 25.66 -5.48
C LEU A 872 23.26 26.74 -5.84
N THR A 873 23.69 27.54 -4.87
CA THR A 873 24.63 28.62 -5.17
C THR A 873 25.96 28.11 -5.69
N LYS A 874 26.33 26.87 -5.36
CA LYS A 874 27.59 26.29 -5.79
C LYS A 874 27.46 25.47 -7.08
N HIS A 875 26.26 25.38 -7.64
CA HIS A 875 26.06 24.59 -8.85
C HIS A 875 26.78 25.25 -10.03
N PRO A 876 27.37 24.46 -10.93
CA PRO A 876 28.00 25.09 -12.12
C PRO A 876 27.05 25.95 -12.92
N ASN A 877 25.79 25.54 -13.04
CA ASN A 877 24.79 26.35 -13.74
C ASN A 877 24.57 27.65 -12.99
N GLN A 878 24.56 28.77 -13.71
CA GLN A 878 24.42 30.07 -13.07
C GLN A 878 23.00 30.32 -12.61
N GLU A 879 22.00 29.92 -13.41
CA GLU A 879 20.61 30.19 -13.05
C GLU A 879 20.24 29.55 -11.72
N TYR A 880 20.84 28.41 -11.40
CA TYR A 880 20.53 27.75 -10.13
C TYR A 880 20.92 28.62 -8.95
N ALA A 881 22.09 29.26 -9.02
CA ALA A 881 22.49 30.20 -7.98
C ALA A 881 21.66 31.49 -8.05
N ASP A 882 21.31 31.90 -9.26
CA ASP A 882 20.44 33.07 -9.40
C ASP A 882 19.10 32.84 -8.73
N VAL A 883 18.67 31.58 -8.59
CA VAL A 883 17.45 31.31 -7.83
C VAL A 883 17.60 31.79 -6.39
N PHE A 884 18.71 31.41 -5.75
CA PHE A 884 18.94 31.82 -4.36
C PHE A 884 19.11 33.32 -4.26
N HIS A 885 19.83 33.93 -5.20
CA HIS A 885 19.97 35.38 -5.16
C HIS A 885 18.62 36.08 -5.35
N LEU A 886 17.77 35.54 -6.22
CA LEU A 886 16.43 36.11 -6.39
C LEU A 886 15.62 36.00 -5.11
N TYR A 887 15.71 34.86 -4.43
CA TYR A 887 15.00 34.73 -3.16
C TYR A 887 15.52 35.73 -2.13
N LEU A 888 16.83 35.92 -2.07
CA LEU A 888 17.39 36.88 -1.12
C LEU A 888 16.91 38.30 -1.44
N GLN A 889 16.92 38.68 -2.72
CA GLN A 889 16.49 40.01 -3.09
C GLN A 889 15.00 40.20 -2.81
N TYR A 890 14.19 39.19 -3.07
CA TYR A 890 12.75 39.32 -2.78
C TYR A 890 12.50 39.41 -1.29
N ILE A 891 13.29 38.70 -0.48
CA ILE A 891 13.19 38.84 0.96
C ILE A 891 13.50 40.27 1.38
N ARG A 892 14.56 40.84 0.81
CA ARG A 892 14.91 42.24 1.12
C ARG A 892 13.77 43.16 0.72
N LYS A 893 13.20 42.96 -0.46
CA LYS A 893 12.10 43.81 -0.92
C LYS A 893 10.89 43.69 0.00
N LEU A 894 10.58 42.47 0.45
CA LEU A 894 9.45 42.28 1.36
C LEU A 894 9.71 42.99 2.68
N HIS A 895 10.94 42.92 3.19
CA HIS A 895 11.26 43.63 4.42
C HIS A 895 11.09 45.13 4.23
N ASP A 896 11.57 45.66 3.09
CA ASP A 896 11.42 47.09 2.83
C ASP A 896 9.95 47.48 2.76
N GLU A 897 9.13 46.69 2.07
CA GLU A 897 7.70 46.99 1.98
C GLU A 897 7.05 46.96 3.35
N LEU A 898 7.39 45.96 4.17
CA LEU A 898 6.81 45.88 5.50
C LEU A 898 7.20 47.10 6.34
N THR A 899 8.46 47.53 6.23
CA THR A 899 8.92 48.69 6.97
C THR A 899 8.19 49.95 6.47
N ASP A 913 17.64 45.81 12.29
CA ASP A 913 18.98 45.23 12.27
C ASP A 913 18.91 43.70 12.21
N ASN A 914 18.12 43.10 13.09
CA ASN A 914 18.01 41.64 13.14
C ASN A 914 17.64 41.09 11.77
N THR A 915 16.58 41.64 11.17
CA THR A 915 16.10 41.13 9.89
C THR A 915 17.19 41.11 8.83
N SER A 916 18.29 41.86 9.04
CA SER A 916 19.36 41.84 8.06
C SER A 916 19.85 40.42 7.80
N ARG A 917 19.95 39.60 8.86
CA ARG A 917 20.46 38.26 8.68
C ARG A 917 19.62 37.48 7.67
N TYR A 918 18.35 37.84 7.51
CA TYR A 918 17.50 37.12 6.58
C TYR A 918 17.97 37.32 5.13
N TRP A 919 18.39 38.53 4.77
CA TRP A 919 18.89 38.77 3.42
C TRP A 919 20.42 38.73 3.34
N GLU A 920 21.10 38.45 4.44
CA GLU A 920 22.53 38.19 4.34
C GLU A 920 22.79 36.69 4.19
N PRO A 921 23.71 36.27 3.32
CA PRO A 921 23.85 34.84 3.03
C PRO A 921 24.60 34.05 4.09
N GLU A 922 25.20 34.71 5.09
CA GLU A 922 25.94 33.97 6.11
C GLU A 922 25.00 33.08 6.93
N PHE A 923 23.79 33.55 7.21
CA PHE A 923 22.84 32.75 7.97
C PHE A 923 22.52 31.45 7.24
N TYR A 924 22.31 31.51 5.93
CA TYR A 924 22.00 30.31 5.17
C TYR A 924 23.22 29.43 5.01
N GLU A 925 24.40 30.04 4.89
CA GLU A 925 25.63 29.25 4.78
C GLU A 925 25.89 28.46 6.05
N ALA A 926 25.63 29.07 7.21
CA ALA A 926 25.91 28.41 8.48
C ALA A 926 25.09 27.15 8.66
N MET A 927 23.88 27.11 8.09
CA MET A 927 23.00 25.96 8.29
C MET A 927 23.57 24.68 7.69
N TYR A 928 24.54 24.79 6.78
CA TYR A 928 25.13 23.62 6.13
C TYR A 928 26.55 23.36 6.60
N THR A 929 26.96 23.94 7.73
CA THR A 929 28.29 23.68 8.27
C THR A 929 28.22 22.62 9.36
N PRO A 930 29.20 21.71 9.47
CA PRO A 930 29.12 20.67 10.51
C PRO A 930 29.30 21.16 11.93
N HIS A 931 29.23 22.49 12.15
CA HIS A 931 29.46 23.01 13.49
C HIS A 931 28.44 22.47 14.49
N THR A 932 27.17 22.43 14.09
CA THR A 932 26.11 21.95 14.97
C THR A 932 25.55 20.62 14.47
N GLU B 80 -13.87 18.40 31.64
CA GLU B 80 -14.87 17.57 32.30
C GLU B 80 -16.28 17.89 31.78
N ASP B 81 -16.59 19.18 31.66
CA ASP B 81 -17.85 19.57 31.04
C ASP B 81 -17.89 19.14 29.58
N LYS B 82 -16.78 19.32 28.86
CA LYS B 82 -16.70 18.83 27.49
C LYS B 82 -16.77 17.31 27.45
N ARG B 83 -16.22 16.63 28.46
CA ARG B 83 -16.33 15.17 28.52
C ARG B 83 -17.78 14.74 28.66
N ALA B 84 -18.54 15.42 29.53
CA ALA B 84 -19.95 15.10 29.66
C ALA B 84 -20.70 15.39 28.36
N LYS B 85 -20.37 16.49 27.70
CA LYS B 85 -20.99 16.80 26.42
C LYS B 85 -20.71 15.70 25.40
N VAL B 86 -19.48 15.20 25.36
CA VAL B 86 -19.13 14.16 24.41
C VAL B 86 -19.87 12.86 24.73
N THR B 87 -19.95 12.51 26.02
CA THR B 87 -20.71 11.32 26.40
C THR B 87 -22.15 11.43 25.93
N SER B 88 -22.78 12.56 26.21
CA SER B 88 -24.15 12.77 25.73
C SER B 88 -24.22 12.68 24.21
N ALA B 89 -23.21 13.20 23.52
CA ALA B 89 -23.23 13.17 22.06
C ALA B 89 -23.21 11.74 21.54
N MET B 90 -22.29 10.91 22.04
CA MET B 90 -22.25 9.53 21.54
C MET B 90 -23.50 8.77 21.93
N GLN B 91 -24.03 8.99 23.14
CA GLN B 91 -25.25 8.30 23.52
C GLN B 91 -26.41 8.69 22.61
N THR B 92 -26.55 9.98 22.32
CA THR B 92 -27.62 10.42 21.44
C THR B 92 -27.45 9.83 20.04
N MET B 93 -26.22 9.82 19.53
CA MET B 93 -25.99 9.27 18.20
C MET B 93 -26.32 7.78 18.16
N LEU B 94 -25.91 7.02 19.19
CA LEU B 94 -26.20 5.59 19.20
C LEU B 94 -27.69 5.33 19.29
N PHE B 95 -28.41 6.06 20.15
CA PHE B 95 -29.85 5.86 20.26
C PHE B 95 -30.56 6.27 18.97
N THR B 96 -30.08 7.33 18.31
CA THR B 96 -30.66 7.72 17.03
C THR B 96 -30.46 6.63 15.98
N MET B 97 -29.28 6.03 15.95
CA MET B 97 -29.06 4.91 15.04
C MET B 97 -29.98 3.75 15.37
N LEU B 98 -30.19 3.50 16.67
CA LEU B 98 -31.12 2.45 17.07
C LEU B 98 -32.53 2.73 16.57
N ARG B 99 -32.97 3.99 16.68
CA ARG B 99 -34.27 4.36 16.10
C ARG B 99 -34.28 4.10 14.60
N LYS B 100 -33.19 4.45 13.91
CA LYS B 100 -33.06 4.16 12.49
C LYS B 100 -32.98 2.66 12.23
N LEU B 101 -32.68 1.86 13.24
CA LEU B 101 -32.58 0.41 13.09
C LEU B 101 -33.94 -0.24 13.33
N ASP B 102 -34.16 -1.36 12.67
CA ASP B 102 -35.37 -2.16 12.84
C ASP B 102 -34.99 -3.59 13.21
N ASN B 103 -35.87 -4.22 13.99
CA ASN B 103 -35.62 -5.56 14.50
C ASN B 103 -36.40 -6.64 13.78
N ASP B 104 -37.32 -6.28 12.88
CA ASP B 104 -38.18 -7.28 12.25
C ASP B 104 -37.34 -8.32 11.51
N ALA B 105 -36.36 -7.88 10.72
CA ALA B 105 -35.48 -8.79 10.01
C ALA B 105 -34.22 -9.14 10.79
N LEU B 106 -33.75 -8.22 11.62
CA LEU B 106 -32.56 -8.50 12.42
C LEU B 106 -32.79 -9.67 13.36
N ASN B 107 -33.95 -9.70 14.03
CA ASN B 107 -34.26 -10.79 14.93
C ASN B 107 -34.37 -12.10 14.17
N ASN B 108 -34.98 -12.07 12.98
CA ASN B 108 -35.05 -13.27 12.15
C ASN B 108 -33.66 -13.80 11.85
N ILE B 109 -32.75 -12.92 11.44
CA ILE B 109 -31.40 -13.36 11.09
C ILE B 109 -30.68 -13.92 12.31
N ILE B 110 -30.79 -13.23 13.46
CA ILE B 110 -30.11 -13.70 14.66
C ILE B 110 -30.63 -15.06 15.09
N ASN B 111 -31.96 -15.23 15.10
CA ASN B 111 -32.53 -16.52 15.50
C ASN B 111 -32.13 -17.61 14.51
N ASN B 112 -32.08 -17.29 13.22
CA ASN B 112 -31.65 -18.27 12.24
C ASN B 112 -30.20 -18.69 12.47
N ALA B 113 -29.36 -17.76 12.90
CA ALA B 113 -27.96 -18.07 13.14
C ALA B 113 -27.82 -18.99 14.35
N ARG B 114 -27.05 -20.07 14.18
CA ARG B 114 -26.85 -21.02 15.28
C ARG B 114 -26.10 -20.36 16.43
N ASP B 115 -25.04 -19.62 16.12
CA ASP B 115 -24.19 -19.02 17.14
C ASP B 115 -24.65 -17.63 17.56
N GLY B 116 -25.45 -16.95 16.74
CA GLY B 116 -25.85 -15.59 17.00
C GLY B 116 -24.90 -14.54 16.45
N CYS B 117 -23.75 -14.94 15.93
CA CYS B 117 -22.80 -14.03 15.31
C CYS B 117 -22.96 -14.10 13.79
N VAL B 118 -23.08 -12.94 13.16
CA VAL B 118 -23.26 -12.87 11.71
C VAL B 118 -22.28 -11.84 11.14
N PRO B 119 -21.81 -12.01 9.91
CA PRO B 119 -20.96 -10.98 9.31
C PRO B 119 -21.69 -9.65 9.23
N LEU B 120 -20.95 -8.56 9.44
CA LEU B 120 -21.56 -7.24 9.39
C LEU B 120 -22.08 -6.92 7.99
N ASN B 121 -21.30 -7.26 6.96
CA ASN B 121 -21.61 -6.81 5.61
C ASN B 121 -22.99 -7.28 5.16
N ILE B 122 -23.38 -8.49 5.55
CA ILE B 122 -24.66 -9.02 5.10
C ILE B 122 -25.84 -8.31 5.75
N ILE B 123 -25.64 -7.64 6.87
CA ILE B 123 -26.76 -7.00 7.57
C ILE B 123 -27.44 -5.97 6.70
N PRO B 124 -26.74 -4.98 6.12
CA PRO B 124 -27.44 -4.07 5.19
C PRO B 124 -28.00 -4.79 3.98
N LEU B 125 -27.36 -5.86 3.51
CA LEU B 125 -27.84 -6.55 2.32
C LEU B 125 -29.23 -7.14 2.56
N THR B 126 -29.44 -7.77 3.71
CA THR B 126 -30.67 -8.48 4.00
C THR B 126 -31.65 -7.70 4.87
N THR B 127 -31.31 -6.47 5.27
CA THR B 127 -32.17 -5.71 6.16
C THR B 127 -32.39 -4.27 5.74
N ALA B 128 -31.60 -3.74 4.81
CA ALA B 128 -31.75 -2.34 4.41
C ALA B 128 -33.04 -2.16 3.64
N ALA B 129 -33.84 -1.17 4.04
CA ALA B 129 -35.08 -0.89 3.34
C ALA B 129 -34.85 -0.13 2.04
N LYS B 130 -33.85 0.73 2.00
CA LYS B 130 -33.56 1.55 0.83
C LYS B 130 -32.23 1.15 0.22
N LEU B 131 -32.16 1.20 -1.12
CA LEU B 131 -30.96 0.89 -1.86
C LEU B 131 -30.56 2.11 -2.68
N MET B 132 -29.28 2.48 -2.60
CA MET B 132 -28.72 3.58 -3.38
C MET B 132 -27.70 3.02 -4.36
N VAL B 133 -27.86 3.34 -5.63
CA VAL B 133 -26.99 2.85 -6.70
C VAL B 133 -26.36 4.04 -7.41
N VAL B 134 -25.05 4.01 -7.56
CA VAL B 134 -24.31 5.05 -8.27
C VAL B 134 -23.93 4.51 -9.64
N ILE B 135 -24.42 5.15 -10.69
CA ILE B 135 -24.23 4.70 -12.06
C ILE B 135 -23.29 5.69 -12.75
N PRO B 136 -22.15 5.24 -13.28
CA PRO B 136 -21.23 6.18 -13.94
C PRO B 136 -21.66 6.58 -15.34
N ASP B 137 -22.22 5.65 -16.11
CA ASP B 137 -22.53 5.91 -17.50
C ASP B 137 -23.82 5.19 -17.88
N TYR B 138 -24.29 5.47 -19.11
CA TYR B 138 -25.54 4.90 -19.57
C TYR B 138 -25.44 3.38 -19.73
N ASN B 139 -24.29 2.88 -20.18
CA ASN B 139 -24.13 1.45 -20.37
C ASN B 139 -24.31 0.71 -19.05
N THR B 140 -23.73 1.23 -17.97
CA THR B 140 -23.92 0.62 -16.66
C THR B 140 -25.39 0.69 -16.24
N TYR B 141 -26.06 1.80 -16.54
CA TYR B 141 -27.48 1.91 -16.22
C TYR B 141 -28.28 0.81 -16.90
N LYS B 142 -28.03 0.59 -18.19
CA LYS B 142 -28.74 -0.46 -18.91
C LYS B 142 -28.40 -1.84 -18.37
N ASN B 143 -27.11 -2.06 -18.07
CA ASN B 143 -26.69 -3.39 -17.60
C ASN B 143 -27.32 -3.72 -16.26
N THR B 144 -27.36 -2.75 -15.35
CA THR B 144 -27.86 -2.99 -13.99
C THR B 144 -29.36 -2.74 -13.90
N CYS B 145 -29.76 -1.52 -13.54
CA CYS B 145 -31.15 -1.17 -13.32
C CYS B 145 -31.60 -0.25 -14.45
N ASP B 146 -32.38 -0.80 -15.39
CA ASP B 146 -32.90 -0.04 -16.52
C ASP B 146 -34.38 0.31 -16.35
N GLY B 147 -35.21 -0.66 -15.99
CA GLY B 147 -36.62 -0.42 -15.84
C GLY B 147 -36.98 0.14 -14.47
N THR B 148 -38.29 0.34 -14.28
CA THR B 148 -38.79 0.87 -13.01
C THR B 148 -38.56 -0.11 -11.86
N THR B 149 -38.36 -1.39 -12.15
CA THR B 149 -38.06 -2.38 -11.13
C THR B 149 -36.90 -3.26 -11.62
N PHE B 150 -36.06 -3.68 -10.67
CA PHE B 150 -34.90 -4.48 -11.01
C PHE B 150 -34.63 -5.46 -9.86
N THR B 151 -33.64 -6.33 -10.08
CA THR B 151 -33.27 -7.36 -9.12
C THR B 151 -31.81 -7.19 -8.72
N TYR B 152 -31.56 -7.15 -7.42
CA TYR B 152 -30.20 -7.06 -6.90
C TYR B 152 -30.17 -7.69 -5.52
N ALA B 153 -29.06 -8.34 -5.19
CA ALA B 153 -28.89 -9.00 -3.90
C ALA B 153 -30.03 -9.98 -3.64
N SER B 154 -30.47 -10.67 -4.70
CA SER B 154 -31.56 -11.63 -4.61
C SER B 154 -32.81 -10.98 -4.02
N ALA B 155 -33.08 -9.73 -4.40
CA ALA B 155 -34.26 -9.02 -3.94
C ALA B 155 -34.73 -8.08 -5.03
N LEU B 156 -36.04 -7.83 -5.04
CA LEU B 156 -36.64 -6.96 -6.04
C LEU B 156 -36.75 -5.54 -5.48
N TRP B 157 -36.24 -4.57 -6.24
CA TRP B 157 -36.25 -3.17 -5.85
C TRP B 157 -37.00 -2.35 -6.88
N GLU B 158 -37.85 -1.44 -6.39
CA GLU B 158 -38.65 -0.57 -7.25
C GLU B 158 -38.07 0.84 -7.20
N ILE B 159 -37.88 1.43 -8.38
CA ILE B 159 -37.27 2.74 -8.46
C ILE B 159 -38.17 3.77 -7.81
N GLN B 160 -37.57 4.66 -7.01
CA GLN B 160 -38.29 5.77 -6.41
C GLN B 160 -37.76 7.13 -6.84
N GLN B 161 -36.44 7.30 -6.93
CA GLN B 161 -35.88 8.59 -7.32
C GLN B 161 -34.60 8.37 -8.10
N VAL B 162 -34.28 9.34 -8.97
CA VAL B 162 -33.07 9.28 -9.79
C VAL B 162 -32.48 10.68 -9.88
N VAL B 163 -31.62 11.04 -8.93
CA VAL B 163 -31.01 12.35 -8.93
C VAL B 163 -29.68 12.29 -9.68
N ASP B 164 -29.17 13.46 -10.06
CA ASP B 164 -27.93 13.57 -10.79
C ASP B 164 -26.81 14.07 -9.86
N ALA B 165 -25.63 14.30 -10.44
CA ALA B 165 -24.51 14.77 -9.65
C ALA B 165 -24.81 16.11 -8.99
N ASP B 166 -25.71 16.89 -9.57
CA ASP B 166 -26.10 18.19 -9.01
C ASP B 166 -27.29 18.08 -8.06
N SER B 167 -27.74 16.87 -7.75
CA SER B 167 -28.88 16.63 -6.86
C SER B 167 -30.18 17.16 -7.46
N LYS B 168 -30.29 17.11 -8.78
CA LYS B 168 -31.52 17.50 -9.47
C LYS B 168 -32.30 16.27 -9.86
N ILE B 169 -33.61 16.31 -9.63
CA ILE B 169 -34.48 15.17 -9.88
C ILE B 169 -34.53 14.87 -11.36
N VAL B 170 -33.71 13.92 -11.81
CA VAL B 170 -33.74 13.49 -13.20
C VAL B 170 -34.85 12.45 -13.37
N GLN B 171 -35.72 12.69 -14.35
CA GLN B 171 -36.84 11.80 -14.59
C GLN B 171 -36.38 10.58 -15.39
N LEU B 172 -37.13 9.48 -15.25
CA LEU B 172 -36.77 8.26 -15.95
C LEU B 172 -36.78 8.44 -17.45
N SER B 173 -37.77 9.17 -17.97
CA SER B 173 -37.86 9.38 -19.42
C SER B 173 -36.62 10.08 -19.95
N GLU B 174 -36.05 10.99 -19.17
CA GLU B 174 -34.87 11.72 -19.62
C GLU B 174 -33.71 10.78 -19.89
N ILE B 175 -33.52 9.78 -19.02
CA ILE B 175 -32.42 8.84 -19.16
C ILE B 175 -32.59 8.07 -20.47
N SER B 176 -31.71 8.33 -21.43
CA SER B 176 -31.73 7.65 -22.71
C SER B 176 -30.36 7.81 -23.36
N MET B 177 -30.10 6.93 -24.34
CA MET B 177 -28.82 7.01 -25.05
C MET B 177 -28.68 8.32 -25.80
N ASP B 178 -29.78 8.86 -26.33
CA ASP B 178 -29.70 10.12 -27.07
C ASP B 178 -29.45 11.29 -26.13
N ASN B 179 -30.09 11.30 -24.96
CA ASN B 179 -29.97 12.39 -24.01
C ASN B 179 -28.88 12.16 -22.97
N SER B 180 -28.12 11.06 -23.09
CA SER B 180 -27.07 10.80 -22.10
C SER B 180 -26.06 11.94 -21.99
N PRO B 181 -25.60 12.56 -23.08
CA PRO B 181 -24.62 13.65 -22.92
C PRO B 181 -25.15 14.83 -22.14
N ASN B 182 -26.47 15.00 -22.04
CA ASN B 182 -27.06 16.14 -21.34
C ASN B 182 -27.29 15.85 -19.86
N LEU B 183 -26.90 14.68 -19.37
CA LEU B 183 -27.10 14.31 -17.98
C LEU B 183 -25.79 14.47 -17.20
N ALA B 184 -25.91 14.92 -15.95
CA ALA B 184 -24.75 15.15 -15.10
C ALA B 184 -24.42 13.84 -14.38
N TRP B 185 -23.70 12.97 -15.09
CA TRP B 185 -23.28 11.71 -14.50
C TRP B 185 -22.23 11.96 -13.42
N PRO B 186 -22.12 11.06 -12.44
CA PRO B 186 -22.90 9.83 -12.25
C PRO B 186 -24.31 10.10 -11.71
N LEU B 187 -25.20 9.13 -11.88
CA LEU B 187 -26.57 9.25 -11.42
C LEU B 187 -26.77 8.41 -10.15
N ILE B 188 -27.44 8.99 -9.16
CA ILE B 188 -27.73 8.31 -7.91
C ILE B 188 -29.20 7.90 -7.93
N VAL B 189 -29.44 6.58 -7.85
CA VAL B 189 -30.77 6.01 -7.93
C VAL B 189 -31.15 5.47 -6.56
N THR B 190 -32.27 5.92 -6.02
CA THR B 190 -32.79 5.48 -4.74
C THR B 190 -34.04 4.64 -4.97
N ALA B 191 -34.03 3.43 -4.45
CA ALA B 191 -35.12 2.48 -4.63
C ALA B 191 -35.48 1.84 -3.29
N LEU B 192 -36.68 1.28 -3.22
CA LEU B 192 -37.20 0.65 -2.02
C LEU B 192 -37.40 -0.83 -2.25
N ARG B 193 -37.23 -1.61 -1.18
CA ARG B 193 -37.43 -3.05 -1.27
C ARG B 193 -38.90 -3.35 -1.55
N ALA B 194 -39.14 -4.30 -2.45
CA ALA B 194 -40.50 -4.68 -2.82
C ALA B 194 -41.02 -5.79 -1.89
N SER C 4 8.46 34.97 -20.38
CA SER C 4 8.04 34.13 -21.54
C SER C 4 6.53 33.99 -21.59
N LYS C 5 6.02 33.56 -22.75
CA LYS C 5 4.57 33.43 -22.90
C LYS C 5 4.05 32.18 -22.18
N MET C 6 4.85 31.13 -22.10
CA MET C 6 4.39 29.91 -21.44
C MET C 6 4.03 30.18 -19.98
N SER C 7 4.95 30.79 -19.23
CA SER C 7 4.72 31.00 -17.81
C SER C 7 3.51 31.90 -17.58
N ASP C 8 3.39 32.98 -18.35
CA ASP C 8 2.29 33.91 -18.11
C ASP C 8 0.96 33.30 -18.55
N VAL C 9 0.94 32.47 -19.59
CA VAL C 9 -0.31 31.84 -19.97
C VAL C 9 -0.74 30.83 -18.93
N LYS C 10 0.22 30.07 -18.37
CA LYS C 10 -0.14 29.16 -17.28
C LYS C 10 -0.67 29.92 -16.08
N CYS C 11 -0.02 31.03 -15.71
CA CYS C 11 -0.49 31.81 -14.58
C CYS C 11 -1.87 32.40 -14.82
N THR C 12 -2.12 32.88 -16.05
CA THR C 12 -3.44 33.38 -16.39
C THR C 12 -4.49 32.29 -16.28
N SER C 13 -4.15 31.07 -16.74
CA SER C 13 -5.08 29.95 -16.62
C SER C 13 -5.37 29.64 -15.16
N VAL C 14 -4.34 29.67 -14.31
CA VAL C 14 -4.54 29.38 -12.89
C VAL C 14 -5.48 30.40 -12.27
N VAL C 15 -5.23 31.69 -12.52
CA VAL C 15 -6.07 32.73 -11.92
C VAL C 15 -7.47 32.65 -12.49
N LEU C 16 -7.60 32.29 -13.78
CA LEU C 16 -8.93 32.17 -14.38
C LEU C 16 -9.73 31.05 -13.72
N LEU C 17 -9.08 29.90 -13.47
CA LEU C 17 -9.79 28.83 -12.77
C LEU C 17 -10.13 29.22 -11.35
N SER C 18 -9.26 29.99 -10.70
CA SER C 18 -9.59 30.49 -9.37
C SER C 18 -10.83 31.38 -9.40
N VAL C 19 -10.91 32.25 -10.40
CA VAL C 19 -12.08 33.12 -10.54
C VAL C 19 -13.33 32.29 -10.79
N LEU C 20 -13.22 31.29 -11.66
CA LEU C 20 -14.37 30.43 -11.94
C LEU C 20 -14.82 29.70 -10.68
N GLN C 21 -13.88 29.19 -9.90
CA GLN C 21 -14.23 28.53 -8.65
C GLN C 21 -14.95 29.49 -7.70
N GLN C 22 -14.43 30.72 -7.59
CA GLN C 22 -15.11 31.72 -6.78
C GLN C 22 -16.49 32.08 -7.34
N LEU C 23 -16.72 31.85 -8.62
CA LEU C 23 -17.98 32.15 -9.27
C LEU C 23 -19.02 31.03 -9.09
N ARG C 24 -18.79 30.11 -8.16
CA ARG C 24 -19.71 29.00 -7.91
C ARG C 24 -19.86 28.11 -9.14
N VAL C 25 -18.82 28.05 -9.98
CA VAL C 25 -18.87 27.17 -11.14
C VAL C 25 -18.87 25.70 -10.71
N GLU C 26 -18.30 25.41 -9.53
CA GLU C 26 -18.26 24.04 -9.04
C GLU C 26 -19.64 23.49 -8.73
N SER C 27 -20.67 24.34 -8.66
CA SER C 27 -22.03 23.85 -8.45
C SER C 27 -22.48 22.95 -9.58
N SER C 28 -22.08 23.26 -10.81
CA SER C 28 -22.40 22.42 -11.97
C SER C 28 -21.27 21.43 -12.18
N SER C 29 -21.61 20.14 -12.19
CA SER C 29 -20.58 19.10 -12.25
C SER C 29 -19.87 19.10 -13.60
N LYS C 30 -20.62 19.11 -14.69
CA LYS C 30 -20.00 18.97 -16.01
C LYS C 30 -19.16 20.19 -16.36
N LEU C 31 -19.67 21.39 -16.09
CA LEU C 31 -18.91 22.60 -16.39
C LEU C 31 -17.62 22.63 -15.58
N TRP C 32 -17.70 22.27 -14.29
CA TRP C 32 -16.50 22.23 -13.47
C TRP C 32 -15.50 21.20 -14.00
N ALA C 33 -16.01 20.03 -14.44
CA ALA C 33 -15.12 19.03 -14.99
C ALA C 33 -14.41 19.54 -16.24
N GLN C 34 -15.14 20.21 -17.13
CA GLN C 34 -14.53 20.77 -18.34
C GLN C 34 -13.48 21.81 -17.97
N CYS C 35 -13.80 22.70 -17.05
CA CYS C 35 -12.84 23.74 -16.66
C CYS C 35 -11.59 23.13 -16.05
N VAL C 36 -11.76 22.13 -15.17
CA VAL C 36 -10.60 21.48 -14.54
C VAL C 36 -9.75 20.78 -15.60
N GLN C 37 -10.38 20.08 -16.54
CA GLN C 37 -9.62 19.40 -17.57
C GLN C 37 -8.84 20.39 -18.43
N LEU C 38 -9.48 21.50 -18.82
CA LEU C 38 -8.78 22.49 -19.62
C LEU C 38 -7.61 23.09 -18.85
N HIS C 39 -7.82 23.41 -17.57
CA HIS C 39 -6.75 23.98 -16.77
C HIS C 39 -5.58 23.00 -16.66
N ASN C 40 -5.88 21.74 -16.33
CA ASN C 40 -4.83 20.75 -16.20
C ASN C 40 -4.07 20.57 -17.50
N ASP C 41 -4.78 20.56 -18.64
CA ASP C 41 -4.10 20.47 -19.92
C ASP C 41 -3.20 21.67 -20.15
N ILE C 42 -3.65 22.86 -19.78
CA ILE C 42 -2.84 24.06 -19.95
C ILE C 42 -1.54 23.94 -19.15
N LEU C 43 -1.66 23.52 -17.89
CA LEU C 43 -0.46 23.44 -17.05
C LEU C 43 0.53 22.39 -17.55
N LEU C 44 0.03 21.27 -18.08
CA LEU C 44 0.90 20.25 -18.63
C LEU C 44 1.22 20.47 -20.11
N ALA C 45 0.69 21.54 -20.72
CA ALA C 45 0.94 21.78 -22.13
C ALA C 45 2.38 22.20 -22.36
N LYS C 46 3.04 21.55 -23.31
CA LYS C 46 4.40 21.90 -23.71
C LYS C 46 4.45 22.70 -25.00
N ASP C 47 3.33 22.83 -25.71
CA ASP C 47 3.24 23.60 -26.94
C ASP C 47 2.43 24.86 -26.67
N THR C 48 2.97 26.01 -27.10
CA THR C 48 2.36 27.30 -26.76
C THR C 48 0.99 27.46 -27.43
N THR C 49 0.85 26.99 -28.68
CA THR C 49 -0.40 27.19 -29.41
C THR C 49 -1.56 26.49 -28.71
N GLU C 50 -1.36 25.23 -28.29
CA GLU C 50 -2.42 24.51 -27.60
C GLU C 50 -2.76 25.19 -26.28
N ALA C 51 -1.75 25.69 -25.57
CA ALA C 51 -2.00 26.41 -24.33
C ALA C 51 -2.87 27.63 -24.58
N PHE C 52 -2.56 28.39 -25.64
CA PHE C 52 -3.41 29.53 -25.97
C PHE C 52 -4.83 29.10 -26.33
N GLU C 53 -4.96 28.01 -27.06
CA GLU C 53 -6.31 27.56 -27.44
C GLU C 53 -7.13 27.20 -26.21
N LYS C 54 -6.55 26.43 -25.28
CA LYS C 54 -7.29 26.07 -24.07
C LYS C 54 -7.55 27.29 -23.19
N MET C 55 -6.61 28.24 -23.13
CA MET C 55 -6.84 29.45 -22.35
C MET C 55 -7.98 30.25 -22.95
N VAL C 56 -8.05 30.32 -24.28
CA VAL C 56 -9.15 31.02 -24.93
C VAL C 56 -10.47 30.31 -24.65
N SER C 57 -10.46 28.98 -24.65
CA SER C 57 -11.68 28.24 -24.32
C SER C 57 -12.15 28.57 -22.90
N LEU C 58 -11.22 28.57 -21.94
CA LEU C 58 -11.58 28.89 -20.56
C LEU C 58 -12.08 30.32 -20.45
N LEU C 59 -11.45 31.25 -21.15
CA LEU C 59 -11.89 32.64 -21.12
C LEU C 59 -13.29 32.79 -21.72
N SER C 60 -13.59 32.02 -22.78
CA SER C 60 -14.93 32.04 -23.33
C SER C 60 -15.95 31.49 -22.33
N VAL C 61 -15.58 30.42 -21.63
CA VAL C 61 -16.45 29.89 -20.58
C VAL C 61 -16.74 30.98 -19.55
N LEU C 62 -15.71 31.70 -19.13
CA LEU C 62 -15.91 32.78 -18.16
C LEU C 62 -16.81 33.86 -18.74
N LEU C 63 -16.59 34.24 -19.99
CA LEU C 63 -17.36 35.32 -20.60
C LEU C 63 -18.82 34.93 -20.78
N SER C 64 -19.11 33.65 -20.93
CA SER C 64 -20.48 33.21 -21.16
C SER C 64 -21.39 33.63 -20.00
N MET C 65 -20.92 33.46 -18.77
CA MET C 65 -21.70 33.85 -17.60
C MET C 65 -21.49 35.33 -17.28
C8 F86 D 12 11.84 20.91 4.22
C5 F86 D 12 9.39 20.46 4.43
C6 F86 D 12 9.34 22.90 0.77
N1 F86 D 12 9.47 19.63 5.53
C2 F86 D 12 10.63 19.76 2.36
N3 F86 D 12 12.82 20.99 4.78
C4 F86 D 12 10.27 21.90 1.42
O2 F86 D 12 12.02 19.59 2.06
N2 F86 D 12 10.56 18.91 6.03
O4 F86 D 12 7.98 22.62 1.09
N4 F86 D 12 9.21 18.08 7.75
C7 F86 D 12 8.09 20.92 4.36
O6 F86 D 12 5.81 23.31 2.14
C1 F86 D 12 10.51 20.81 3.47
C10 F86 D 12 7.41 20.37 5.41
C11 F86 D 12 8.17 18.76 7.27
C12 F86 D 12 10.42 18.15 7.13
C3 F86 D 12 9.91 20.44 1.22
C9 F86 D 12 8.32 19.55 6.13
N5 F86 D 12 6.89 18.68 7.94
O1 F86 D 12 10.25 22.06 2.86
O3 F86 D 12 10.27 19.95 -0.06
O5 F86 D 12 6.62 24.36 -0.11
P1 F86 D 12 6.93 23.80 1.27
ZN ZN F . 0.27 -21.58 13.62
ZN ZN G . 4.87 -4.86 25.81
#